data_4C5K
#
_entry.id   4C5K
#
_cell.length_a   62.460
_cell.length_b   100.360
_cell.length_c   167.220
_cell.angle_alpha   90.00
_cell.angle_beta   90.00
_cell.angle_gamma   90.00
#
_symmetry.space_group_name_H-M   'P 21 21 21'
#
loop_
_entity.id
_entity.type
_entity.pdbx_description
1 polymer 'PHOSPHOMETHYLPYRIMIDINE KINASE'
2 non-polymer "ADENOSINE-5'-DIPHOSPHATE"
3 non-polymer 'SULFATE ION'
4 water water
#
_entity_poly.entity_id   1
_entity_poly.type   'polypeptide(L)'
_entity_poly.pdbx_seq_one_letter_code
;GALKKVLTIAGSDTSAGAGMQADLKTFQELDTYGMVALTAIVTMDKDTWSHDVTPLPMDVFEKQLETALSIGPDAIKTGM
LGTEEIIKRAGEVYEASNAQYFVVDPVMVCKGEDEVLNPGNTEAMIKYLLPKATVVTPNLFEAGQLSGLGKLNSIEDMKK
AATIIFDKGAQHVIIKGGKALDQDKSYDLYYDGQTFYQLTTDMFQQSYNHGAGCTFAAATTAYLANGKSPKEAVISAKAF
VASAIKNGWKMNDFVGPVDHGAYNRIEHIDVEVTEV
;
_entity_poly.pdbx_strand_id   A,B,C,D
#
# COMPACT_ATOMS: atom_id res chain seq x y z
N GLY A 1 7.48 -23.52 29.84
CA GLY A 1 6.42 -22.50 29.70
C GLY A 1 6.26 -22.15 28.24
N ALA A 2 5.17 -21.48 27.93
CA ALA A 2 4.93 -21.06 26.58
C ALA A 2 5.97 -20.02 26.15
N LEU A 3 6.22 -19.95 24.88
CA LEU A 3 7.07 -18.97 24.31
C LEU A 3 6.47 -17.59 24.53
N LYS A 4 7.34 -16.65 24.93
CA LYS A 4 6.92 -15.26 25.01
C LYS A 4 6.84 -14.67 23.59
N LYS A 5 5.80 -13.88 23.39
CA LYS A 5 5.51 -13.28 22.10
C LYS A 5 6.17 -11.87 22.09
N VAL A 6 7.14 -11.67 21.20
CA VAL A 6 7.94 -10.47 21.20
C VAL A 6 7.78 -9.84 19.82
N LEU A 7 7.20 -8.66 19.79
CA LEU A 7 6.92 -7.87 18.59
C LEU A 7 7.98 -6.81 18.41
N THR A 8 8.53 -6.70 17.21
CA THR A 8 9.32 -5.57 16.78
C THR A 8 8.54 -4.73 15.78
N ILE A 9 8.59 -3.42 15.95
CA ILE A 9 8.01 -2.44 14.97
C ILE A 9 9.23 -1.81 14.31
N ALA A 10 9.51 -2.22 13.09
CA ALA A 10 10.80 -2.01 12.46
C ALA A 10 10.75 -2.08 10.97
N GLY A 11 11.82 -1.66 10.35
CA GLY A 11 11.98 -1.77 8.92
C GLY A 11 12.79 -3.01 8.52
N SER A 12 12.67 -3.39 7.27
CA SER A 12 13.46 -4.43 6.69
C SER A 12 14.80 -3.95 6.21
N ASP A 13 15.88 -4.55 6.74
CA ASP A 13 17.24 -4.32 6.24
C ASP A 13 17.54 -5.42 5.26
N THR A 14 17.47 -5.12 3.96
CA THR A 14 17.56 -6.19 2.99
C THR A 14 18.87 -7.00 3.17
N SER A 15 19.97 -6.33 3.59
CA SER A 15 21.24 -7.01 3.82
C SER A 15 21.19 -8.01 4.96
N ALA A 16 20.20 -7.89 5.84
CA ALA A 16 19.79 -8.89 6.82
C ALA A 16 20.62 -8.94 8.10
N GLY A 17 21.43 -7.90 8.33
CA GLY A 17 22.25 -7.83 9.55
C GLY A 17 21.64 -7.00 10.68
N ALA A 18 20.83 -5.98 10.32
CA ALA A 18 20.16 -5.05 11.21
C ALA A 18 18.67 -5.13 11.00
N GLY A 19 17.93 -4.16 11.51
CA GLY A 19 16.51 -4.07 11.27
C GLY A 19 15.74 -5.24 11.81
N MET A 20 14.58 -5.51 11.20
CA MET A 20 13.71 -6.56 11.69
C MET A 20 14.40 -7.93 11.55
N GLN A 21 15.29 -8.07 10.59
CA GLN A 21 16.04 -9.32 10.42
C GLN A 21 16.89 -9.61 11.67
N ALA A 22 17.66 -8.61 12.10
CA ALA A 22 18.40 -8.78 13.39
C ALA A 22 17.45 -9.12 14.53
N ASP A 23 16.32 -8.45 14.56
CA ASP A 23 15.36 -8.63 15.63
C ASP A 23 14.82 -10.06 15.65
N LEU A 24 14.28 -10.53 14.52
CA LEU A 24 13.73 -11.88 14.49
C LEU A 24 14.80 -12.92 14.75
N LYS A 25 16.01 -12.73 14.23
CA LYS A 25 17.11 -13.67 14.44
C LYS A 25 17.44 -13.74 15.90
N THR A 26 17.55 -12.59 16.55
CA THR A 26 17.89 -12.51 17.97
C THR A 26 16.81 -13.06 18.87
N PHE A 27 15.56 -12.74 18.56
CA PHE A 27 14.42 -13.28 19.28
C PHE A 27 14.43 -14.84 19.22
N GLN A 28 14.78 -15.38 18.04
CA GLN A 28 14.83 -16.82 17.83
C GLN A 28 15.99 -17.43 18.66
N GLU A 29 17.15 -16.80 18.63
CA GLU A 29 18.28 -17.26 19.43
C GLU A 29 17.99 -17.34 20.93
N LEU A 30 17.14 -16.46 21.39
CA LEU A 30 16.80 -16.34 22.77
C LEU A 30 15.45 -16.98 23.15
N ASP A 31 15.00 -17.91 22.29
CA ASP A 31 13.88 -18.79 22.60
C ASP A 31 12.60 -18.03 22.95
N THR A 32 12.31 -17.04 22.11
CA THR A 32 11.06 -16.31 22.11
C THR A 32 10.36 -16.49 20.74
N TYR A 33 9.11 -16.11 20.71
CA TYR A 33 8.32 -16.12 19.47
C TYR A 33 8.37 -14.72 18.85
N GLY A 34 9.19 -14.54 17.84
CA GLY A 34 9.39 -13.27 17.20
C GLY A 34 8.30 -12.87 16.24
N MET A 35 7.92 -11.60 16.24
CA MET A 35 6.91 -11.04 15.37
C MET A 35 7.37 -9.68 14.91
N VAL A 36 6.93 -9.25 13.72
CA VAL A 36 7.28 -7.96 13.17
C VAL A 36 6.06 -7.26 12.54
N ALA A 37 5.99 -5.92 12.77
CA ALA A 37 5.13 -5.03 12.01
C ALA A 37 6.09 -4.18 11.24
N LEU A 38 6.09 -4.33 9.91
CA LEU A 38 7.06 -3.71 9.03
C LEU A 38 6.65 -2.27 8.73
N THR A 39 7.62 -1.35 8.79
CA THR A 39 7.39 0.09 8.54
C THR A 39 7.88 0.54 7.18
N ALA A 40 8.89 -0.15 6.66
CA ALA A 40 9.67 0.30 5.54
C ALA A 40 10.59 -0.81 5.06
N ILE A 41 11.09 -0.67 3.84
CA ILE A 41 12.06 -1.59 3.26
C ILE A 41 13.27 -0.77 2.87
N VAL A 42 14.43 -1.18 3.37
CA VAL A 42 15.68 -0.52 3.07
C VAL A 42 16.49 -1.43 2.17
N THR A 43 16.90 -0.88 1.04
CA THR A 43 17.74 -1.56 0.09
CA THR A 43 17.75 -1.57 0.08
C THR A 43 19.04 -0.77 -0.12
N MET A 44 20.01 -1.43 -0.74
CA MET A 44 21.33 -0.89 -0.94
C MET A 44 21.82 -1.02 -2.38
N ASP A 45 22.44 0.04 -2.87
CA ASP A 45 22.95 0.08 -4.22
C ASP A 45 24.11 -0.88 -4.33
N LYS A 46 24.12 -1.70 -5.38
CA LYS A 46 25.16 -2.70 -5.47
C LYS A 46 26.59 -2.12 -5.60
N ASP A 47 26.72 -0.90 -6.08
CA ASP A 47 28.03 -0.31 -6.33
C ASP A 47 28.54 0.59 -5.22
N THR A 48 27.64 1.29 -4.52
CA THR A 48 28.06 2.26 -3.46
C THR A 48 27.59 1.85 -2.08
N TRP A 49 26.68 0.87 -2.03
CA TRP A 49 25.96 0.52 -0.84
C TRP A 49 25.14 1.67 -0.24
N SER A 50 24.83 2.68 -1.05
CA SER A 50 23.99 3.75 -0.55
C SER A 50 22.56 3.23 -0.26
N HIS A 51 21.99 3.64 0.87
CA HIS A 51 20.68 3.17 1.26
C HIS A 51 19.54 3.87 0.52
N ASP A 52 18.52 3.08 0.21
CA ASP A 52 17.25 3.57 -0.31
C ASP A 52 16.15 3.10 0.62
N VAL A 53 15.47 4.04 1.27
CA VAL A 53 14.40 3.77 2.21
C VAL A 53 13.05 3.93 1.51
N THR A 54 12.33 2.81 1.41
CA THR A 54 10.99 2.81 0.85
C THR A 54 9.98 2.62 1.94
N PRO A 55 9.23 3.69 2.28
CA PRO A 55 8.22 3.53 3.30
C PRO A 55 7.10 2.63 2.81
N LEU A 56 6.54 1.84 3.73
CA LEU A 56 5.34 1.09 3.42
C LEU A 56 4.11 1.98 3.62
N PRO A 57 3.04 1.71 2.90
CA PRO A 57 1.85 2.58 3.11
C PRO A 57 1.29 2.44 4.51
N MET A 58 0.73 3.50 5.02
CA MET A 58 0.20 3.51 6.35
C MET A 58 -0.95 2.53 6.49
N ASP A 59 -1.74 2.26 5.42
CA ASP A 59 -2.83 1.30 5.58
C ASP A 59 -2.29 -0.11 5.88
N VAL A 60 -1.21 -0.52 5.24
CA VAL A 60 -0.66 -1.84 5.53
C VAL A 60 0.08 -1.85 6.86
N PHE A 61 0.66 -0.72 7.25
CA PHE A 61 1.25 -0.66 8.58
C PHE A 61 0.15 -0.92 9.65
N GLU A 62 -0.99 -0.25 9.48
CA GLU A 62 -2.07 -0.42 10.42
C GLU A 62 -2.67 -1.80 10.44
N LYS A 63 -2.81 -2.41 9.27
CA LYS A 63 -3.32 -3.78 9.21
C LYS A 63 -2.39 -4.73 9.98
N GLN A 64 -1.08 -4.49 9.85
CA GLN A 64 -0.14 -5.33 10.58
C GLN A 64 -0.26 -5.12 12.09
N LEU A 65 -0.38 -3.86 12.54
CA LEU A 65 -0.57 -3.60 13.96
C LEU A 65 -1.83 -4.24 14.52
N GLU A 66 -2.92 -4.22 13.74
CA GLU A 66 -4.15 -4.86 14.18
C GLU A 66 -3.94 -6.33 14.44
N THR A 67 -3.28 -7.01 13.51
CA THR A 67 -3.02 -8.43 13.66
C THR A 67 -2.13 -8.70 14.88
N ALA A 68 -1.05 -7.97 14.97
CA ALA A 68 -0.09 -8.15 16.07
C ALA A 68 -0.73 -7.86 17.44
N LEU A 69 -1.53 -6.81 17.53
CA LEU A 69 -2.19 -6.46 18.78
C LEU A 69 -3.22 -7.54 19.17
N SER A 70 -3.91 -8.11 18.17
CA SER A 70 -4.87 -9.16 18.42
C SER A 70 -4.17 -10.38 19.03
N ILE A 71 -3.02 -10.74 18.47
CA ILE A 71 -2.25 -11.86 18.95
C ILE A 71 -1.79 -11.65 20.38
N GLY A 72 -1.41 -10.43 20.72
CA GLY A 72 -1.14 -10.05 22.11
C GLY A 72 0.33 -10.24 22.45
N PRO A 73 1.18 -9.28 22.10
CA PRO A 73 2.59 -9.39 22.49
C PRO A 73 2.80 -9.32 24.00
N ASP A 74 3.81 -10.03 24.47
CA ASP A 74 4.30 -9.92 25.84
C ASP A 74 5.31 -8.78 25.98
N ALA A 75 6.01 -8.45 24.91
CA ALA A 75 6.97 -7.39 24.88
C ALA A 75 6.98 -6.76 23.50
N ILE A 76 7.30 -5.47 23.41
CA ILE A 76 7.41 -4.77 22.16
C ILE A 76 8.73 -3.98 22.13
N LYS A 77 9.42 -4.09 21.04
CA LYS A 77 10.55 -3.29 20.70
C LYS A 77 10.20 -2.36 19.54
N THR A 78 10.75 -1.16 19.57
CA THR A 78 10.75 -0.26 18.39
C THR A 78 12.12 -0.07 17.84
N GLY A 79 12.23 -0.16 16.52
CA GLY A 79 13.42 0.17 15.79
C GLY A 79 13.25 1.46 14.98
N MET A 80 13.60 1.39 13.71
N MET A 80 13.73 1.46 13.74
CA MET A 80 13.47 2.52 12.85
CA MET A 80 13.57 2.65 12.88
C MET A 80 12.01 2.70 12.51
C MET A 80 12.09 2.76 12.48
N LEU A 81 11.50 3.87 12.90
CA LEU A 81 10.07 4.27 12.72
C LEU A 81 9.77 5.19 11.52
N GLY A 82 10.60 6.22 11.44
CA GLY A 82 10.72 7.08 10.30
C GLY A 82 9.97 8.41 10.31
N THR A 83 8.73 8.41 10.81
CA THR A 83 7.91 9.63 10.86
C THR A 83 7.41 9.83 12.27
N GLU A 84 7.04 11.05 12.58
CA GLU A 84 6.52 11.45 13.89
C GLU A 84 5.22 10.71 14.09
N GLU A 85 4.54 10.47 12.98
CA GLU A 85 3.31 9.74 12.99
C GLU A 85 3.45 8.25 13.42
N ILE A 86 4.43 7.57 12.85
CA ILE A 86 4.63 6.16 13.19
C ILE A 86 5.11 6.05 14.65
N ILE A 87 5.90 7.04 15.08
CA ILE A 87 6.41 7.09 16.45
C ILE A 87 5.24 7.14 17.42
N LYS A 88 4.27 8.02 17.18
CA LYS A 88 3.09 8.11 18.02
C LYS A 88 2.27 6.81 18.02
N ARG A 89 2.06 6.21 16.84
CA ARG A 89 1.30 4.95 16.74
C ARG A 89 1.94 3.79 17.52
N ALA A 90 3.27 3.74 17.48
CA ALA A 90 4.01 2.69 18.18
C ALA A 90 3.73 2.77 19.70
N GLY A 91 3.78 3.98 20.24
CA GLY A 91 3.44 4.21 21.65
C GLY A 91 2.01 3.76 21.98
N GLU A 92 1.10 4.11 21.07
CA GLU A 92 -0.30 3.79 21.23
C GLU A 92 -0.56 2.29 21.26
N VAL A 93 0.08 1.59 20.32
CA VAL A 93 0.01 0.15 20.20
C VAL A 93 0.47 -0.51 21.51
N TYR A 94 1.56 -0.02 22.06
CA TYR A 94 2.05 -0.57 23.33
C TYR A 94 1.00 -0.37 24.44
N GLU A 95 0.47 0.84 24.55
CA GLU A 95 -0.49 1.12 25.59
C GLU A 95 -1.79 0.28 25.44
N ALA A 96 -2.20 0.03 24.18
CA ALA A 96 -3.40 -0.77 23.90
C ALA A 96 -3.23 -2.22 24.22
N SER A 97 -1.99 -2.70 24.12
CA SER A 97 -1.68 -4.11 24.35
C SER A 97 -1.62 -4.36 25.86
N ASN A 98 -1.49 -5.65 26.20
CA ASN A 98 -1.18 -6.04 27.56
C ASN A 98 0.30 -6.31 27.75
N ALA A 99 1.14 -5.83 26.85
CA ALA A 99 2.55 -6.07 26.99
C ALA A 99 3.06 -5.40 28.25
N GLN A 100 3.99 -6.05 28.94
CA GLN A 100 4.54 -5.51 30.16
C GLN A 100 5.85 -4.75 29.91
N TYR A 101 6.43 -4.91 28.73
CA TYR A 101 7.73 -4.36 28.44
C TYR A 101 7.74 -3.64 27.09
N PHE A 102 8.30 -2.44 27.08
CA PHE A 102 8.42 -1.61 25.87
C PHE A 102 9.89 -1.19 25.81
N VAL A 103 10.62 -1.63 24.78
CA VAL A 103 12.02 -1.29 24.59
C VAL A 103 12.12 -0.42 23.36
N VAL A 104 12.54 0.83 23.57
CA VAL A 104 12.62 1.83 22.52
C VAL A 104 14.07 2.01 22.12
N ASP A 105 14.41 1.63 20.90
CA ASP A 105 15.70 1.85 20.30
C ASP A 105 15.51 3.11 19.49
N PRO A 106 16.04 4.26 19.96
CA PRO A 106 15.66 5.58 19.40
C PRO A 106 16.48 5.91 18.18
N VAL A 107 16.36 5.07 17.14
CA VAL A 107 17.27 5.17 16.05
C VAL A 107 17.09 6.49 15.30
N MET A 108 18.20 7.17 15.07
CA MET A 108 18.27 8.43 14.37
C MET A 108 19.29 8.38 13.24
N VAL A 109 18.99 9.08 12.15
CA VAL A 109 19.96 9.21 11.05
C VAL A 109 20.65 10.57 11.25
N CYS A 110 21.98 10.58 11.22
CA CYS A 110 22.69 11.86 11.40
C CYS A 110 23.04 12.56 10.08
N LYS A 111 23.31 13.87 10.20
CA LYS A 111 23.82 14.71 9.11
C LYS A 111 24.98 15.54 9.69
N ASP A 114 27.14 15.41 14.44
CA ASP A 114 26.85 16.68 15.09
C ASP A 114 25.40 17.17 14.86
N GLU A 115 24.85 16.93 13.67
CA GLU A 115 23.46 17.33 13.34
C GLU A 115 22.54 16.13 13.07
N VAL A 116 21.23 16.30 13.34
CA VAL A 116 20.24 15.25 13.01
C VAL A 116 19.50 15.53 11.70
N LEU A 117 19.22 14.46 10.94
CA LEU A 117 18.47 14.54 9.69
C LEU A 117 17.08 15.13 9.95
N ASN A 118 16.32 14.47 10.84
CA ASN A 118 14.94 14.87 11.16
C ASN A 118 14.76 15.22 12.65
N PRO A 119 15.00 16.50 13.04
CA PRO A 119 14.87 16.89 14.46
C PRO A 119 13.47 16.70 15.03
N GLY A 120 12.45 16.79 14.16
CA GLY A 120 11.06 16.55 14.55
C GLY A 120 10.87 15.15 15.12
N ASN A 121 11.58 14.18 14.56
CA ASN A 121 11.54 12.82 15.09
C ASN A 121 12.04 12.70 16.53
N THR A 122 13.07 13.47 16.86
CA THR A 122 13.57 13.48 18.24
C THR A 122 12.51 13.99 19.22
N GLU A 123 11.91 15.12 18.89
CA GLU A 123 10.82 15.65 19.71
C GLU A 123 9.65 14.65 19.90
N ALA A 124 9.28 13.96 18.83
CA ALA A 124 8.23 12.95 18.89
C ALA A 124 8.62 11.77 19.78
N MET A 125 9.85 11.31 19.68
CA MET A 125 10.29 10.22 20.60
C MET A 125 10.21 10.65 22.06
N ILE A 126 10.61 11.88 22.34
CA ILE A 126 10.56 12.41 23.70
C ILE A 126 9.11 12.49 24.20
N LYS A 127 8.21 12.98 23.34
CA LYS A 127 6.81 13.14 23.72
C LYS A 127 6.04 11.87 23.87
N TYR A 128 6.22 10.93 22.94
CA TYR A 128 5.36 9.78 22.84
C TYR A 128 5.98 8.50 23.32
N LEU A 129 7.30 8.34 23.19
CA LEU A 129 7.96 7.05 23.50
C LEU A 129 8.64 6.98 24.85
N LEU A 130 9.41 8.00 25.18
CA LEU A 130 10.15 7.99 26.45
C LEU A 130 9.24 7.76 27.66
N PRO A 131 8.08 8.43 27.71
CA PRO A 131 7.24 8.23 28.89
C PRO A 131 6.63 6.86 29.05
N LYS A 132 6.77 6.03 28.03
CA LYS A 132 6.20 4.69 28.00
C LYS A 132 7.29 3.64 28.10
N ALA A 133 8.54 4.04 27.88
CA ALA A 133 9.58 3.04 27.73
C ALA A 133 9.99 2.36 29.03
N THR A 134 10.06 1.04 29.02
CA THR A 134 10.69 0.28 30.08
C THR A 134 12.20 0.52 30.02
N VAL A 135 12.76 0.41 28.84
CA VAL A 135 14.16 0.68 28.56
C VAL A 135 14.25 1.47 27.30
N VAL A 136 15.05 2.54 27.29
CA VAL A 136 15.47 3.21 26.07
C VAL A 136 16.96 3.02 25.86
N THR A 137 17.36 2.75 24.62
CA THR A 137 18.67 2.27 24.27
C THR A 137 19.44 3.16 23.27
N PRO A 138 19.59 4.49 23.57
CA PRO A 138 20.31 5.33 22.63
C PRO A 138 21.78 5.01 22.49
N ASN A 139 22.32 5.15 21.28
CA ASN A 139 23.76 5.27 21.09
C ASN A 139 24.22 6.66 21.56
N LEU A 140 25.50 6.92 21.47
CA LEU A 140 26.04 8.12 22.09
C LEU A 140 25.47 9.38 21.38
N PHE A 141 25.37 9.35 20.05
CA PHE A 141 24.71 10.45 19.31
C PHE A 141 23.24 10.67 19.70
N GLU A 142 22.49 9.58 19.71
CA GLU A 142 21.05 9.66 20.03
C GLU A 142 20.84 10.18 21.44
N ALA A 143 21.70 9.77 22.38
CA ALA A 143 21.56 10.25 23.77
C ALA A 143 21.81 11.77 23.92
N GLY A 144 22.77 12.28 23.17
CA GLY A 144 22.95 13.73 23.11
C GLY A 144 21.72 14.47 22.59
N GLN A 145 21.05 13.86 21.61
CA GLN A 145 19.89 14.50 21.00
C GLN A 145 18.69 14.44 21.96
N LEU A 146 18.44 13.29 22.55
CA LEU A 146 17.34 13.12 23.47
C LEU A 146 17.49 13.98 24.69
N SER A 147 18.73 14.18 25.13
CA SER A 147 18.99 14.92 26.36
C SER A 147 19.10 16.43 26.10
N GLY A 148 19.19 16.83 24.84
CA GLY A 148 19.46 18.20 24.55
C GLY A 148 20.89 18.70 24.84
N LEU A 149 21.80 17.76 25.13
CA LEU A 149 23.16 18.16 25.55
C LEU A 149 24.14 18.21 24.42
N GLY A 150 23.72 17.69 23.27
CA GLY A 150 24.59 17.66 22.11
C GLY A 150 25.63 16.55 22.30
N LYS A 151 26.84 16.86 21.84
CA LYS A 151 27.86 15.79 21.80
C LYS A 151 28.38 15.36 23.19
N LEU A 152 28.39 14.05 23.40
CA LEU A 152 28.76 13.42 24.67
C LEU A 152 30.09 12.72 24.41
N ASN A 153 31.07 12.93 25.28
CA ASN A 153 32.44 12.46 25.05
C ASN A 153 33.06 11.69 26.21
N SER A 154 32.27 11.42 27.26
CA SER A 154 32.79 10.85 28.50
C SER A 154 31.68 10.15 29.26
N ILE A 155 32.10 9.29 30.16
CA ILE A 155 31.18 8.72 31.10
C ILE A 155 30.39 9.78 31.89
N GLU A 156 31.07 10.85 32.37
CA GLU A 156 30.38 11.92 33.07
C GLU A 156 29.26 12.57 32.21
N ASP A 157 29.51 12.78 30.92
CA ASP A 157 28.48 13.32 29.98
C ASP A 157 27.32 12.34 29.84
N MET A 158 27.63 11.06 29.81
CA MET A 158 26.60 10.04 29.69
C MET A 158 25.74 10.00 30.92
N LYS A 159 26.33 10.18 32.10
CA LYS A 159 25.57 10.23 33.34
C LYS A 159 24.54 11.37 33.27
N LYS A 160 25.02 12.56 32.89
CA LYS A 160 24.15 13.70 32.77
C LYS A 160 22.97 13.45 31.77
N ALA A 161 23.31 12.89 30.62
CA ALA A 161 22.33 12.59 29.59
C ALA A 161 21.34 11.53 30.10
N ALA A 162 21.83 10.51 30.81
CA ALA A 162 20.95 9.49 31.36
C ALA A 162 19.94 10.04 32.36
N THR A 163 20.38 10.99 33.22
CA THR A 163 19.47 11.64 34.17
C THR A 163 18.33 12.36 33.44
N ILE A 164 18.70 13.09 32.39
CA ILE A 164 17.73 13.91 31.66
C ILE A 164 16.75 13.00 30.94
N ILE A 165 17.25 11.92 30.36
CA ILE A 165 16.38 10.99 29.63
C ILE A 165 15.44 10.24 30.61
N PHE A 166 15.98 9.80 31.74
CA PHE A 166 15.14 9.21 32.79
C PHE A 166 14.06 10.18 33.23
N ASP A 167 14.45 11.46 33.43
CA ASP A 167 13.50 12.46 33.89
C ASP A 167 12.42 12.76 32.85
N LYS A 168 12.69 12.47 31.58
CA LYS A 168 11.69 12.59 30.52
C LYS A 168 10.68 11.40 30.49
N GLY A 169 10.91 10.44 31.41
CA GLY A 169 9.96 9.38 31.68
C GLY A 169 10.36 7.93 31.43
N ALA A 170 11.54 7.71 30.85
CA ALA A 170 12.00 6.32 30.61
C ALA A 170 12.35 5.68 31.94
N GLN A 171 11.91 4.44 32.18
CA GLN A 171 12.10 3.81 33.49
C GLN A 171 13.56 3.38 33.68
N HIS A 172 14.21 3.05 32.60
CA HIS A 172 15.60 2.61 32.55
C HIS A 172 16.23 3.13 31.29
N VAL A 173 17.49 3.54 31.38
CA VAL A 173 18.21 4.09 30.28
C VAL A 173 19.53 3.37 30.16
N ILE A 174 19.91 2.98 28.94
CA ILE A 174 21.24 2.49 28.65
C ILE A 174 21.78 3.33 27.49
N ILE A 175 22.85 4.07 27.78
CA ILE A 175 23.53 4.89 26.76
C ILE A 175 24.74 4.07 26.36
N LYS A 176 24.79 3.70 25.09
CA LYS A 176 25.86 2.94 24.57
C LYS A 176 27.00 3.82 24.17
N GLY A 177 28.18 3.49 24.68
CA GLY A 177 29.40 4.18 24.32
C GLY A 177 30.07 3.51 23.16
N GLY A 178 30.50 2.27 23.37
CA GLY A 178 30.99 1.42 22.29
C GLY A 178 32.09 2.09 21.48
N LYS A 179 32.07 1.93 20.16
CA LYS A 179 33.20 2.51 19.41
C LYS A 179 33.07 4.02 19.27
N ALA A 180 31.86 4.58 19.46
CA ALA A 180 31.68 6.04 19.40
C ALA A 180 32.42 6.70 20.54
N LEU A 181 32.47 6.06 21.69
CA LEU A 181 33.15 6.69 22.86
C LEU A 181 34.69 6.66 22.67
N ASP A 182 35.15 5.76 21.78
CA ASP A 182 36.53 5.70 21.33
C ASP A 182 37.53 5.61 22.47
N GLN A 183 37.29 4.61 23.30
CA GLN A 183 38.20 4.19 24.38
CA GLN A 183 38.22 4.22 24.35
C GLN A 183 38.78 2.77 24.14
N ASP A 184 39.66 2.33 25.03
CA ASP A 184 40.34 1.05 24.81
C ASP A 184 39.43 -0.13 25.10
N LYS A 185 38.40 0.12 25.91
CA LYS A 185 37.39 -0.87 26.21
C LYS A 185 36.04 -0.34 25.72
N SER A 186 35.07 -1.23 25.63
CA SER A 186 33.72 -0.89 25.23
C SER A 186 32.80 -0.61 26.40
N TYR A 187 32.54 0.68 26.65
CA TYR A 187 31.75 1.10 27.77
C TYR A 187 30.33 1.50 27.38
N ASP A 188 29.35 1.07 28.20
CA ASP A 188 27.99 1.55 28.17
C ASP A 188 27.60 2.01 29.58
N LEU A 189 26.63 2.87 29.69
CA LEU A 189 26.17 3.41 30.92
C LEU A 189 24.68 3.14 31.12
N TYR A 190 24.34 2.40 32.16
CA TYR A 190 22.98 2.07 32.52
C TYR A 190 22.56 2.90 33.75
N TYR A 191 21.30 3.33 33.75
CA TYR A 191 20.77 4.15 34.84
C TYR A 191 19.32 3.77 35.10
N ASP A 192 18.96 3.62 36.38
CA ASP A 192 17.61 3.27 36.80
C ASP A 192 16.95 4.32 37.65
N GLY A 193 17.52 5.53 37.66
CA GLY A 193 16.99 6.57 38.57
C GLY A 193 17.68 6.64 39.93
N GLN A 194 18.52 5.63 40.23
CA GLN A 194 19.12 5.49 41.53
C GLN A 194 20.62 5.27 41.44
N THR A 195 21.03 4.39 40.55
CA THR A 195 22.41 4.03 40.40
C THR A 195 22.86 4.09 38.96
N PHE A 196 24.04 4.69 38.75
CA PHE A 196 24.75 4.65 37.48
C PHE A 196 25.66 3.46 37.47
N TYR A 197 25.45 2.59 36.49
CA TYR A 197 26.31 1.42 36.25
C TYR A 197 27.06 1.51 34.96
N GLN A 198 28.37 1.34 35.05
CA GLN A 198 29.22 1.20 33.89
C GLN A 198 29.32 -0.26 33.53
N LEU A 199 29.03 -0.55 32.27
CA LEU A 199 29.18 -1.92 31.75
C LEU A 199 30.31 -1.96 30.80
N THR A 200 31.17 -2.98 30.90
CA THR A 200 32.39 -3.02 30.09
C THR A 200 32.59 -4.40 29.49
N THR A 201 33.01 -4.44 28.23
CA THR A 201 33.74 -5.57 27.66
C THR A 201 34.97 -5.02 26.99
N ASP A 202 35.82 -5.92 26.54
CA ASP A 202 36.88 -5.47 25.64
C ASP A 202 36.25 -4.80 24.40
N MET A 203 37.04 -3.98 23.71
CA MET A 203 36.78 -3.62 22.34
C MET A 203 37.14 -4.76 21.42
N PHE A 204 36.23 -5.06 20.52
CA PHE A 204 36.49 -6.03 19.47
C PHE A 204 36.65 -5.36 18.13
N GLN A 205 36.95 -6.15 17.11
CA GLN A 205 37.13 -5.59 15.77
C GLN A 205 35.91 -4.71 15.36
N GLN A 206 36.21 -3.62 14.68
CA GLN A 206 35.24 -2.57 14.34
C GLN A 206 34.76 -2.63 12.90
N SER A 207 35.41 -3.42 12.07
CA SER A 207 35.11 -3.42 10.66
C SER A 207 33.72 -3.98 10.33
N TYR A 208 33.32 -5.07 10.98
CA TYR A 208 32.11 -5.83 10.67
C TYR A 208 31.23 -5.80 11.90
N ASN A 209 30.52 -4.69 12.06
CA ASN A 209 29.69 -4.46 13.23
C ASN A 209 28.26 -4.06 12.84
N HIS A 210 27.87 -4.34 11.61
CA HIS A 210 26.54 -3.92 11.14
C HIS A 210 25.45 -4.74 11.86
N GLY A 211 24.46 -4.06 12.43
CA GLY A 211 23.38 -4.66 13.19
C GLY A 211 23.66 -4.77 14.68
N ALA A 212 24.80 -4.25 15.16
CA ALA A 212 25.08 -4.32 16.60
C ALA A 212 24.01 -3.64 17.47
N GLY A 213 23.61 -2.43 17.07
CA GLY A 213 22.61 -1.71 17.86
C GLY A 213 21.28 -2.39 17.88
N CYS A 214 20.83 -2.83 16.70
CA CYS A 214 19.54 -3.50 16.64
C CYS A 214 19.55 -4.79 17.46
N THR A 215 20.63 -5.54 17.32
CA THR A 215 20.77 -6.77 18.07
C THR A 215 20.76 -6.57 19.58
N PHE A 216 21.46 -5.54 20.02
CA PHE A 216 21.50 -5.20 21.42
C PHE A 216 20.09 -4.94 21.96
N ALA A 217 19.31 -4.10 21.26
CA ALA A 217 17.99 -3.77 21.72
C ALA A 217 17.05 -4.99 21.63
N ALA A 218 17.18 -5.81 20.59
CA ALA A 218 16.39 -7.01 20.47
C ALA A 218 16.69 -7.98 21.61
N ALA A 219 17.96 -8.13 21.93
CA ALA A 219 18.36 -9.02 23.01
C ALA A 219 17.81 -8.55 24.35
N THR A 220 17.88 -7.22 24.58
CA THR A 220 17.33 -6.63 25.78
C THR A 220 15.86 -7.00 25.91
N THR A 221 15.13 -6.86 24.82
CA THR A 221 13.70 -7.15 24.84
C THR A 221 13.38 -8.61 25.16
N ALA A 222 14.09 -9.52 24.51
CA ALA A 222 13.91 -10.94 24.76
C ALA A 222 14.29 -11.35 26.19
N TYR A 223 15.40 -10.80 26.67
CA TYR A 223 15.82 -11.12 28.04
C TYR A 223 14.80 -10.61 29.07
N LEU A 224 14.24 -9.42 28.84
CA LEU A 224 13.16 -8.90 29.68
C LEU A 224 11.94 -9.80 29.63
N ALA A 225 11.54 -10.15 28.41
CA ALA A 225 10.37 -11.01 28.25
C ALA A 225 10.51 -12.33 29.01
N ASN A 226 11.72 -12.86 28.98
CA ASN A 226 12.02 -14.14 29.64
C ASN A 226 12.33 -14.08 31.11
N GLY A 227 12.26 -12.87 31.69
CA GLY A 227 12.19 -12.70 33.14
C GLY A 227 13.34 -12.00 33.82
N LYS A 228 14.31 -11.52 33.09
CA LYS A 228 15.39 -10.73 33.71
C LYS A 228 14.88 -9.34 34.06
N SER A 229 15.44 -8.78 35.13
CA SER A 229 15.22 -7.38 35.44
C SER A 229 15.82 -6.54 34.31
N PRO A 230 15.32 -5.29 34.16
CA PRO A 230 15.93 -4.44 33.15
C PRO A 230 17.44 -4.37 33.25
N LYS A 231 17.95 -4.17 34.45
CA LYS A 231 19.41 -4.14 34.61
C LYS A 231 20.10 -5.40 34.09
N GLU A 232 19.64 -6.57 34.52
CA GLU A 232 20.24 -7.80 34.09
C GLU A 232 19.97 -8.12 32.62
N ALA A 233 18.85 -7.64 32.10
CA ALA A 233 18.56 -7.79 30.67
C ALA A 233 19.58 -7.04 29.84
N VAL A 234 19.92 -5.80 30.25
CA VAL A 234 20.90 -5.04 29.48
CA VAL A 234 20.90 -5.01 29.54
C VAL A 234 22.32 -5.60 29.63
N ILE A 235 22.64 -6.11 30.82
CA ILE A 235 23.91 -6.78 31.02
C ILE A 235 24.03 -8.01 30.12
N SER A 236 22.98 -8.80 30.11
CA SER A 236 22.93 -9.98 29.25
C SER A 236 22.97 -9.60 27.76
N ALA A 237 22.28 -8.55 27.42
CA ALA A 237 22.25 -8.11 26.01
C ALA A 237 23.62 -7.63 25.55
N LYS A 238 24.34 -6.95 26.44
CA LYS A 238 25.69 -6.57 26.07
C LYS A 238 26.60 -7.76 25.79
N ALA A 239 26.51 -8.78 26.64
CA ALA A 239 27.28 -10.01 26.43
C ALA A 239 26.92 -10.70 25.12
N PHE A 240 25.64 -10.71 24.84
CA PHE A 240 25.10 -11.37 23.67
C PHE A 240 25.62 -10.68 22.38
N VAL A 241 25.51 -9.33 22.36
CA VAL A 241 25.95 -8.61 21.20
C VAL A 241 27.47 -8.54 21.09
N ALA A 242 28.17 -8.55 22.25
CA ALA A 242 29.61 -8.55 22.21
C ALA A 242 30.14 -9.78 21.46
N SER A 243 29.52 -10.96 21.70
CA SER A 243 29.92 -12.14 20.98
C SER A 243 29.63 -12.01 19.48
N ALA A 244 28.45 -11.47 19.17
CA ALA A 244 28.04 -11.25 17.79
C ALA A 244 29.03 -10.35 17.08
N ILE A 245 29.49 -9.31 17.76
CA ILE A 245 30.42 -8.35 17.19
C ILE A 245 31.81 -8.99 16.99
N LYS A 246 32.31 -9.64 18.03
CA LYS A 246 33.61 -10.30 17.94
CA LYS A 246 33.61 -10.28 17.94
C LYS A 246 33.65 -11.23 16.72
N ASN A 247 32.51 -11.89 16.44
CA ASN A 247 32.41 -12.86 15.39
C ASN A 247 31.76 -12.34 14.11
N GLY A 248 31.79 -11.04 13.92
CA GLY A 248 31.30 -10.42 12.68
C GLY A 248 32.11 -10.85 11.48
N TRP A 249 31.48 -10.76 10.29
CA TRP A 249 32.13 -11.22 9.07
C TRP A 249 31.92 -10.28 7.89
N LYS A 250 32.85 -10.33 6.94
CA LYS A 250 32.86 -9.43 5.78
C LYS A 250 31.85 -9.81 4.69
N MET A 251 30.91 -8.91 4.46
CA MET A 251 29.88 -9.15 3.42
C MET A 251 30.33 -8.60 2.09
N ASN A 252 30.97 -7.43 2.12
CA ASN A 252 31.47 -6.80 0.92
C ASN A 252 32.45 -5.71 1.35
N ASP A 253 32.90 -4.88 0.43
CA ASP A 253 33.87 -3.85 0.80
C ASP A 253 33.29 -2.74 1.68
N PHE A 254 31.99 -2.74 1.89
CA PHE A 254 31.32 -1.65 2.61
C PHE A 254 30.72 -2.00 3.94
N VAL A 255 30.42 -3.27 4.14
CA VAL A 255 29.73 -3.71 5.32
C VAL A 255 30.10 -5.13 5.74
N GLY A 256 29.93 -5.39 7.02
CA GLY A 256 29.92 -6.77 7.50
C GLY A 256 29.03 -6.90 8.71
N PRO A 257 28.14 -7.90 8.74
CA PRO A 257 27.25 -8.02 9.88
C PRO A 257 27.82 -8.72 11.09
N VAL A 258 27.27 -8.40 12.24
CA VAL A 258 27.48 -9.20 13.43
C VAL A 258 26.90 -10.61 13.20
N ASP A 259 27.44 -11.57 13.92
CA ASP A 259 26.92 -12.95 13.89
C ASP A 259 25.98 -13.16 15.04
N HIS A 260 24.68 -12.99 14.78
CA HIS A 260 23.64 -13.00 15.80
C HIS A 260 23.65 -14.27 16.64
N GLY A 261 24.07 -15.37 16.03
CA GLY A 261 24.11 -16.63 16.72
C GLY A 261 25.38 -16.95 17.46
N ALA A 262 26.32 -16.01 17.51
CA ALA A 262 27.62 -16.29 18.09
C ALA A 262 27.59 -16.60 19.58
N TYR A 263 26.71 -15.93 20.34
CA TYR A 263 26.68 -16.15 21.77
C TYR A 263 26.42 -17.62 22.07
N ASN A 264 25.46 -18.21 21.34
CA ASN A 264 25.09 -19.60 21.60
C ASN A 264 25.97 -20.59 20.90
N ARG A 265 26.51 -20.25 19.73
CA ARG A 265 27.22 -21.22 18.91
CA ARG A 265 27.22 -21.20 18.89
C ARG A 265 28.73 -21.18 19.08
N ILE A 266 29.27 -19.99 19.43
CA ILE A 266 30.72 -19.82 19.44
C ILE A 266 31.25 -19.56 20.86
N GLU A 267 30.79 -18.51 21.55
CA GLU A 267 31.35 -18.15 22.84
C GLU A 267 30.49 -17.13 23.59
N HIS A 268 30.57 -17.19 24.91
CA HIS A 268 30.06 -16.12 25.75
C HIS A 268 31.16 -15.11 25.91
N ILE A 269 30.79 -13.88 26.20
CA ILE A 269 31.72 -12.80 26.57
C ILE A 269 31.27 -12.26 27.94
N ASP A 270 32.22 -12.02 28.83
CA ASP A 270 31.84 -11.51 30.16
C ASP A 270 31.78 -9.98 30.16
N VAL A 271 30.83 -9.49 30.92
CA VAL A 271 30.59 -8.06 31.09
C VAL A 271 30.96 -7.71 32.52
N GLU A 272 31.81 -6.70 32.69
CA GLU A 272 32.15 -6.14 34.01
C GLU A 272 31.18 -5.02 34.33
N VAL A 273 30.67 -5.01 35.54
CA VAL A 273 29.64 -4.11 35.99
C VAL A 273 30.14 -3.40 37.23
N THR A 274 30.17 -2.07 37.20
CA THR A 274 30.63 -1.29 38.36
CA THR A 274 30.66 -1.27 38.33
C THR A 274 29.79 -0.03 38.52
N GLU A 275 29.58 0.38 39.75
CA GLU A 275 28.83 1.55 40.11
C GLU A 275 29.80 2.72 39.87
N VAL A 276 29.34 3.69 39.08
CA VAL A 276 30.13 4.90 38.78
C VAL A 276 29.44 6.19 39.07
N GLY B 1 -18.57 2.69 9.26
CA GLY B 1 -19.87 3.31 8.85
C GLY B 1 -19.86 3.81 7.42
N ALA B 2 -20.92 4.53 7.05
CA ALA B 2 -21.07 4.91 5.67
C ALA B 2 -20.02 5.91 5.25
N LEU B 3 -19.64 5.89 3.96
CA LEU B 3 -18.78 6.97 3.41
C LEU B 3 -19.41 8.31 3.62
N LYS B 4 -18.59 9.25 4.04
CA LYS B 4 -19.05 10.61 4.13
C LYS B 4 -19.19 11.20 2.73
N LYS B 5 -20.27 11.93 2.51
CA LYS B 5 -20.55 12.51 1.22
C LYS B 5 -19.98 13.94 1.18
N VAL B 6 -19.08 14.20 0.25
CA VAL B 6 -18.39 15.50 0.20
C VAL B 6 -18.58 16.11 -1.16
N LEU B 7 -19.20 17.27 -1.17
CA LEU B 7 -19.51 17.99 -2.39
C LEU B 7 -18.54 19.13 -2.63
N THR B 8 -18.03 19.25 -3.86
CA THR B 8 -17.31 20.44 -4.26
C THR B 8 -18.18 21.22 -5.23
N ILE B 9 -18.16 22.53 -5.10
CA ILE B 9 -18.76 23.49 -6.03
C ILE B 9 -17.61 24.16 -6.75
N ALA B 10 -17.38 23.79 -7.99
CA ALA B 10 -16.16 24.05 -8.69
C ALA B 10 -16.25 23.86 -10.20
N GLY B 11 -15.28 24.38 -10.91
CA GLY B 11 -15.15 24.20 -12.33
C GLY B 11 -14.28 23.05 -12.72
N SER B 12 -14.38 22.68 -13.98
CA SER B 12 -13.54 21.65 -14.59
C SER B 12 -12.25 22.22 -15.11
N ASP B 13 -11.12 21.69 -14.60
CA ASP B 13 -9.79 21.96 -15.16
C ASP B 13 -9.49 20.88 -16.15
N THR B 14 -9.60 21.14 -17.45
CA THR B 14 -9.45 20.04 -18.41
C THR B 14 -8.12 19.33 -18.23
N SER B 15 -7.07 20.05 -17.86
CA SER B 15 -5.75 19.43 -17.68
C SER B 15 -5.70 18.44 -16.50
N ALA B 16 -6.68 18.54 -15.60
CA ALA B 16 -7.05 17.52 -14.58
C ALA B 16 -6.18 17.47 -13.32
N GLY B 17 -5.44 18.55 -13.09
CA GLY B 17 -4.60 18.67 -11.95
C GLY B 17 -5.18 19.49 -10.82
N ALA B 18 -6.04 20.45 -11.18
CA ALA B 18 -6.69 21.37 -10.27
C ALA B 18 -8.17 21.25 -10.44
N GLY B 19 -8.93 22.22 -9.99
CA GLY B 19 -10.35 22.26 -10.19
C GLY B 19 -11.09 21.10 -9.52
N MET B 20 -12.23 20.73 -10.10
CA MET B 20 -13.04 19.65 -9.55
C MET B 20 -12.30 18.34 -9.67
N GLN B 21 -11.41 18.22 -10.64
CA GLN B 21 -10.64 17.01 -10.81
C GLN B 21 -9.74 16.74 -9.58
N ALA B 22 -9.00 17.78 -9.18
CA ALA B 22 -8.22 17.63 -7.97
C ALA B 22 -9.12 17.29 -6.76
N ASP B 23 -10.27 17.94 -6.68
CA ASP B 23 -11.17 17.72 -5.58
C ASP B 23 -11.65 16.25 -5.55
N LEU B 24 -12.20 15.75 -6.67
CA LEU B 24 -12.70 14.39 -6.69
C LEU B 24 -11.56 13.40 -6.40
N LYS B 25 -10.39 13.63 -6.99
CA LYS B 25 -9.27 12.73 -6.79
C LYS B 25 -8.88 12.67 -5.32
N THR B 26 -8.81 13.83 -4.68
CA THR B 26 -8.42 13.95 -3.29
C THR B 26 -9.47 13.37 -2.37
N PHE B 27 -10.74 13.65 -2.63
CA PHE B 27 -11.83 13.03 -1.88
C PHE B 27 -11.73 11.50 -1.90
N GLN B 28 -11.42 10.97 -3.07
CA GLN B 28 -11.30 9.51 -3.29
C GLN B 28 -10.14 8.94 -2.50
N GLU B 29 -9.00 9.61 -2.59
CA GLU B 29 -7.79 9.24 -1.83
C GLU B 29 -8.08 9.18 -0.32
N LEU B 30 -8.92 10.07 0.14
CA LEU B 30 -9.23 10.15 1.55
C LEU B 30 -10.51 9.46 1.98
N ASP B 31 -10.94 8.52 1.13
CA ASP B 31 -11.93 7.57 1.57
C ASP B 31 -13.26 8.22 1.89
N THR B 32 -13.65 9.19 1.02
CA THR B 32 -14.95 9.82 1.11
C THR B 32 -15.67 9.61 -0.26
N TYR B 33 -16.96 9.95 -0.28
CA TYR B 33 -17.78 9.83 -1.48
C TYR B 33 -17.82 11.22 -2.15
N GLY B 34 -16.97 11.44 -3.15
CA GLY B 34 -16.90 12.77 -3.76
C GLY B 34 -18.01 13.05 -4.75
N MET B 35 -18.45 14.29 -4.76
CA MET B 35 -19.47 14.78 -5.65
C MET B 35 -19.08 16.15 -6.13
N VAL B 36 -19.60 16.55 -7.30
CA VAL B 36 -19.34 17.88 -7.85
C VAL B 36 -20.62 18.53 -8.39
N ALA B 37 -20.77 19.83 -8.14
CA ALA B 37 -21.71 20.69 -8.88
C ALA B 37 -20.83 21.62 -9.72
N LEU B 38 -20.82 21.40 -11.03
CA LEU B 38 -19.97 22.09 -11.96
C LEU B 38 -20.47 23.50 -12.25
N THR B 39 -19.52 24.47 -12.20
CA THR B 39 -19.82 25.83 -12.47
C THR B 39 -19.36 26.37 -13.85
N ALA B 40 -18.36 25.73 -14.43
CA ALA B 40 -17.63 26.21 -15.55
C ALA B 40 -16.72 25.13 -16.08
N ILE B 41 -16.27 25.28 -17.28
CA ILE B 41 -15.30 24.42 -17.93
C ILE B 41 -14.12 25.26 -18.41
N VAL B 42 -12.91 24.91 -18.01
CA VAL B 42 -11.69 25.63 -18.40
C VAL B 42 -10.93 24.73 -19.37
N THR B 43 -10.61 25.28 -20.53
CA THR B 43 -9.84 24.60 -21.54
C THR B 43 -8.60 25.40 -21.84
N MET B 44 -7.66 24.79 -22.55
CA MET B 44 -6.36 25.38 -22.84
C MET B 44 -5.97 25.17 -24.28
N ASP B 45 -5.54 26.22 -24.93
CA ASP B 45 -5.07 26.15 -26.30
C ASP B 45 -3.89 25.19 -26.50
N LYS B 46 -3.98 24.34 -27.54
CA LYS B 46 -2.98 23.31 -27.73
C LYS B 46 -1.56 23.84 -27.96
N ASP B 47 -1.48 25.10 -28.44
CA ASP B 47 -0.22 25.68 -28.81
C ASP B 47 0.34 26.64 -27.78
N THR B 48 -0.52 27.51 -27.23
CA THR B 48 -0.09 28.53 -26.30
C THR B 48 -0.48 28.30 -24.84
N TRP B 49 -1.35 27.33 -24.60
CA TRP B 49 -1.93 27.05 -23.32
C TRP B 49 -2.80 28.17 -22.77
N SER B 50 -3.18 29.10 -23.65
CA SER B 50 -4.12 30.14 -23.25
C SER B 50 -5.44 29.55 -22.76
N HIS B 51 -5.92 30.02 -21.63
CA HIS B 51 -7.11 29.49 -21.00
C HIS B 51 -8.36 30.13 -21.59
N ASP B 52 -9.40 29.32 -21.72
CA ASP B 52 -10.73 29.77 -21.99
C ASP B 52 -11.67 29.24 -20.95
N VAL B 53 -12.39 30.11 -20.28
CA VAL B 53 -13.30 29.72 -19.21
C VAL B 53 -14.73 29.90 -19.76
N THR B 54 -15.42 28.77 -19.88
CA THR B 54 -16.80 28.73 -20.34
C THR B 54 -17.71 28.56 -19.14
N PRO B 55 -18.44 29.61 -18.76
CA PRO B 55 -19.40 29.43 -17.67
C PRO B 55 -20.52 28.46 -18.09
N LEU B 56 -21.01 27.70 -17.13
CA LEU B 56 -22.22 26.95 -17.34
C LEU B 56 -23.43 27.77 -16.95
N PRO B 57 -24.54 27.57 -17.69
CA PRO B 57 -25.74 28.35 -17.35
C PRO B 57 -26.27 28.08 -15.98
N MET B 58 -26.90 29.10 -15.42
CA MET B 58 -27.38 28.97 -14.08
CA MET B 58 -27.44 29.02 -14.07
C MET B 58 -28.44 27.89 -13.95
N ASP B 59 -29.21 27.64 -15.02
CA ASP B 59 -30.23 26.62 -14.90
C ASP B 59 -29.62 25.23 -14.66
N VAL B 60 -28.56 24.90 -15.41
CA VAL B 60 -27.91 23.57 -15.17
C VAL B 60 -27.18 23.55 -13.82
N PHE B 61 -26.62 24.69 -13.42
CA PHE B 61 -26.05 24.79 -12.09
C PHE B 61 -27.09 24.48 -11.01
N GLU B 62 -28.26 25.08 -11.12
CA GLU B 62 -29.30 24.83 -10.18
C GLU B 62 -29.79 23.38 -10.19
N LYS B 63 -29.88 22.77 -11.36
CA LYS B 63 -30.31 21.36 -11.44
C LYS B 63 -29.32 20.46 -10.72
N GLN B 64 -28.04 20.76 -10.85
CA GLN B 64 -27.03 19.99 -10.14
C GLN B 64 -27.16 20.17 -8.64
N LEU B 65 -27.32 21.41 -8.20
CA LEU B 65 -27.47 21.67 -6.76
C LEU B 65 -28.68 20.95 -6.19
N GLU B 66 -29.79 20.89 -6.95
CA GLU B 66 -30.96 20.19 -6.44
C GLU B 66 -30.62 18.70 -6.18
N THR B 67 -29.97 18.11 -7.14
CA THR B 67 -29.57 16.69 -6.99
C THR B 67 -28.63 16.49 -5.79
N ALA B 68 -27.60 17.32 -5.73
CA ALA B 68 -26.63 17.21 -4.63
C ALA B 68 -27.23 17.46 -3.25
N LEU B 69 -28.11 18.46 -3.15
CA LEU B 69 -28.78 18.75 -1.90
CA LEU B 69 -28.78 18.73 -1.89
C LEU B 69 -29.65 17.55 -1.47
N SER B 70 -30.32 16.94 -2.45
CA SER B 70 -31.19 15.78 -2.17
C SER B 70 -30.41 14.60 -1.60
N ILE B 71 -29.24 14.37 -2.17
CA ILE B 71 -28.31 13.32 -1.72
C ILE B 71 -27.87 13.57 -0.27
N GLY B 72 -27.56 14.83 0.03
CA GLY B 72 -27.27 15.29 1.37
C GLY B 72 -25.81 15.22 1.71
N PRO B 73 -25.05 16.29 1.38
CA PRO B 73 -23.63 16.25 1.68
C PRO B 73 -23.37 16.36 3.17
N ASP B 74 -22.31 15.70 3.64
CA ASP B 74 -21.79 15.89 4.97
C ASP B 74 -20.83 17.07 5.09
N ALA B 75 -20.23 17.46 3.99
CA ALA B 75 -19.27 18.56 3.94
C ALA B 75 -19.33 19.15 2.54
N ILE B 76 -19.07 20.47 2.44
CA ILE B 76 -19.06 21.14 1.16
C ILE B 76 -17.78 21.98 1.09
N LYS B 77 -17.12 21.97 -0.06
CA LYS B 77 -16.02 22.82 -0.42
C LYS B 77 -16.47 23.71 -1.57
N THR B 78 -16.03 24.96 -1.55
CA THR B 78 -16.05 25.82 -2.68
C THR B 78 -14.69 26.03 -3.28
N GLY B 79 -14.60 25.87 -4.60
CA GLY B 79 -13.45 26.23 -5.38
C GLY B 79 -13.58 27.61 -6.02
N MET B 80 -12.80 27.83 -7.07
CA MET B 80 -12.82 29.09 -7.75
C MET B 80 -14.23 29.27 -8.30
N LEU B 81 -14.90 30.33 -7.86
CA LEU B 81 -16.29 30.64 -8.22
C LEU B 81 -16.17 31.97 -8.99
N GLY B 82 -16.86 32.05 -10.11
CA GLY B 82 -16.66 33.11 -11.11
C GLY B 82 -17.49 34.38 -10.97
N THR B 83 -18.61 34.30 -10.25
CA THR B 83 -19.57 35.38 -10.20
C THR B 83 -20.09 35.58 -8.81
N GLU B 84 -20.58 36.78 -8.53
CA GLU B 84 -21.16 37.05 -7.22
C GLU B 84 -22.38 36.17 -6.99
N GLU B 85 -23.19 36.01 -8.02
CA GLU B 85 -24.39 35.14 -8.03
C GLU B 85 -24.10 33.71 -7.55
N ILE B 86 -23.03 33.14 -8.10
CA ILE B 86 -22.59 31.79 -7.69
C ILE B 86 -22.10 31.74 -6.26
N ILE B 87 -21.33 32.75 -5.89
CA ILE B 87 -20.80 32.91 -4.55
C ILE B 87 -21.96 32.92 -3.54
N LYS B 88 -22.97 33.77 -3.80
CA LYS B 88 -24.15 33.82 -2.96
C LYS B 88 -24.87 32.44 -2.88
N ARG B 89 -25.09 31.81 -4.03
CA ARG B 89 -25.81 30.53 -4.04
C ARG B 89 -25.03 29.45 -3.28
N ALA B 90 -23.71 29.49 -3.34
CA ALA B 90 -22.89 28.46 -2.67
C ALA B 90 -23.10 28.54 -1.18
N GLY B 91 -23.12 29.74 -0.62
CA GLY B 91 -23.41 29.85 0.78
C GLY B 91 -24.80 29.42 1.16
N GLU B 92 -25.75 29.75 0.33
CA GLU B 92 -27.14 29.35 0.54
C GLU B 92 -27.33 27.85 0.56
N VAL B 93 -26.68 27.17 -0.36
CA VAL B 93 -26.84 25.72 -0.43
C VAL B 93 -26.19 25.07 0.79
N TYR B 94 -25.07 25.61 1.28
CA TYR B 94 -24.53 25.07 2.51
C TYR B 94 -25.55 25.19 3.64
N GLU B 95 -26.12 26.38 3.81
CA GLU B 95 -27.08 26.60 4.90
C GLU B 95 -28.32 25.72 4.75
N ALA B 96 -28.75 25.47 3.52
CA ALA B 96 -29.93 24.63 3.24
C ALA B 96 -29.68 23.14 3.49
N SER B 97 -28.43 22.75 3.36
CA SER B 97 -28.02 21.36 3.62
C SER B 97 -27.93 21.03 5.10
N ASN B 98 -27.75 19.74 5.39
CA ASN B 98 -27.39 19.35 6.75
C ASN B 98 -25.88 19.18 6.91
N ALA B 99 -25.11 19.76 5.99
CA ALA B 99 -23.68 19.62 6.09
C ALA B 99 -23.17 20.33 7.34
N GLN B 100 -22.19 19.73 8.02
CA GLN B 100 -21.61 20.30 9.25
C GLN B 100 -20.34 21.10 9.00
N TYR B 101 -19.79 20.96 7.80
CA TYR B 101 -18.50 21.53 7.45
C TYR B 101 -18.58 22.25 6.12
N PHE B 102 -18.02 23.48 6.08
CA PHE B 102 -17.94 24.32 4.88
C PHE B 102 -16.52 24.83 4.74
N VAL B 103 -15.83 24.45 3.70
CA VAL B 103 -14.46 24.86 3.43
C VAL B 103 -14.45 25.75 2.22
N VAL B 104 -14.06 27.00 2.41
CA VAL B 104 -14.06 27.99 1.35
C VAL B 104 -12.62 28.23 0.88
N ASP B 105 -12.30 27.91 -0.38
CA ASP B 105 -11.04 28.22 -0.99
C ASP B 105 -11.25 29.49 -1.78
N PRO B 106 -10.73 30.66 -1.31
CA PRO B 106 -11.17 31.94 -1.85
C PRO B 106 -10.37 32.36 -3.06
N VAL B 107 -10.43 31.56 -4.09
CA VAL B 107 -9.54 31.69 -5.19
C VAL B 107 -9.78 32.98 -5.98
N MET B 108 -8.70 33.72 -6.23
CA MET B 108 -8.71 34.96 -6.96
C MET B 108 -7.59 34.84 -8.06
N VAL B 109 -7.73 35.55 -9.17
CA VAL B 109 -6.58 35.64 -10.10
C VAL B 109 -5.95 37.03 -9.92
N CYS B 110 -4.64 37.11 -9.66
CA CYS B 110 -3.97 38.41 -9.45
C CYS B 110 -3.76 39.07 -10.81
N LYS B 111 -4.35 40.27 -11.00
CA LYS B 111 -4.23 41.04 -12.26
C LYS B 111 -3.47 42.34 -12.02
N ASP B 114 -1.11 43.72 -6.28
CA ASP B 114 -2.20 43.87 -5.32
C ASP B 114 -3.52 44.24 -5.98
N GLU B 115 -3.83 43.57 -7.09
CA GLU B 115 -5.12 43.78 -7.80
C GLU B 115 -5.78 42.51 -8.34
N VAL B 116 -7.11 42.51 -8.27
CA VAL B 116 -7.98 41.50 -8.85
C VAL B 116 -8.78 42.11 -10.01
N LEU B 117 -9.35 41.23 -10.80
CA LEU B 117 -10.15 41.64 -11.92
C LEU B 117 -11.42 42.39 -11.53
N ASN B 118 -12.07 41.87 -10.53
CA ASN B 118 -13.32 42.41 -10.02
C ASN B 118 -13.39 42.27 -8.51
N PRO B 119 -13.11 43.35 -7.79
CA PRO B 119 -13.15 43.28 -6.32
C PRO B 119 -14.52 42.97 -5.75
N GLY B 120 -15.55 43.12 -6.57
CA GLY B 120 -16.88 42.76 -6.13
C GLY B 120 -16.96 41.30 -5.74
N ASN B 121 -16.14 40.45 -6.38
CA ASN B 121 -16.14 39.03 -6.02
C ASN B 121 -15.55 38.84 -4.63
N THR B 122 -14.52 39.59 -4.30
CA THR B 122 -13.92 39.53 -2.96
C THR B 122 -14.94 39.96 -1.94
N GLU B 123 -15.61 41.08 -2.25
CA GLU B 123 -16.69 41.56 -1.39
C GLU B 123 -17.80 40.54 -1.19
N ALA B 124 -18.18 39.85 -2.25
CA ALA B 124 -19.20 38.84 -2.08
C ALA B 124 -18.71 37.66 -1.23
N MET B 125 -17.45 37.27 -1.39
CA MET B 125 -16.92 36.23 -0.56
C MET B 125 -16.98 36.60 0.92
N ILE B 126 -16.61 37.84 1.20
CA ILE B 126 -16.64 38.34 2.57
C ILE B 126 -18.05 38.30 3.16
N LYS B 127 -19.01 38.76 2.37
CA LYS B 127 -20.39 38.87 2.79
C LYS B 127 -21.13 37.55 2.91
N TYR B 128 -20.92 36.67 1.94
CA TYR B 128 -21.75 35.43 1.85
C TYR B 128 -21.05 34.16 2.29
N LEU B 129 -19.73 34.09 2.12
CA LEU B 129 -19.00 32.84 2.41
C LEU B 129 -18.25 32.84 3.74
N LEU B 130 -17.42 33.85 3.99
CA LEU B 130 -16.63 33.88 5.23
CA LEU B 130 -16.62 33.84 5.22
C LEU B 130 -17.46 33.58 6.50
N PRO B 131 -18.62 34.23 6.64
CA PRO B 131 -19.35 34.01 7.91
C PRO B 131 -19.96 32.63 8.11
N LYS B 132 -19.95 31.82 7.05
CA LYS B 132 -20.43 30.42 7.07
C LYS B 132 -19.26 29.43 7.12
N ALA B 133 -18.04 29.88 6.87
CA ALA B 133 -16.93 28.95 6.67
C ALA B 133 -16.45 28.32 7.98
N THR B 134 -16.32 26.99 8.02
CA THR B 134 -15.59 26.30 9.05
C THR B 134 -14.11 26.64 8.90
N VAL B 135 -13.63 26.57 7.68
CA VAL B 135 -12.24 26.92 7.36
C VAL B 135 -12.22 27.71 6.07
N VAL B 136 -11.45 28.81 6.04
CA VAL B 136 -11.15 29.52 4.81
C VAL B 136 -9.66 29.39 4.55
N THR B 137 -9.27 29.18 3.29
CA THR B 137 -7.92 28.77 2.91
C THR B 137 -7.21 29.66 1.90
N PRO B 138 -7.12 30.99 2.17
CA PRO B 138 -6.48 31.85 1.22
C PRO B 138 -4.95 31.59 1.05
N ASN B 139 -4.42 31.80 -0.14
CA ASN B 139 -3.01 31.96 -0.31
C ASN B 139 -2.62 33.40 0.12
N LEU B 140 -1.34 33.73 0.05
CA LEU B 140 -0.84 34.99 0.63
C LEU B 140 -1.53 36.19 -0.05
N PHE B 141 -1.62 36.15 -1.38
CA PHE B 141 -2.29 37.20 -2.15
C PHE B 141 -3.77 37.36 -1.75
N GLU B 142 -4.48 36.24 -1.73
CA GLU B 142 -5.89 36.23 -1.37
C GLU B 142 -6.14 36.74 0.04
N ALA B 143 -5.23 36.41 0.96
CA ALA B 143 -5.39 36.85 2.32
C ALA B 143 -5.24 38.39 2.44
N GLY B 144 -4.35 38.95 1.62
CA GLY B 144 -4.20 40.42 1.53
C GLY B 144 -5.46 41.06 1.03
N GLN B 145 -6.10 40.42 0.07
CA GLN B 145 -7.33 40.94 -0.48
C GLN B 145 -8.50 40.85 0.48
N LEU B 146 -8.69 39.69 1.10
CA LEU B 146 -9.79 39.51 2.04
C LEU B 146 -9.69 40.40 3.25
N SER B 147 -8.47 40.68 3.68
CA SER B 147 -8.22 41.48 4.90
C SER B 147 -8.18 42.96 4.60
N GLY B 148 -8.01 43.34 3.34
CA GLY B 148 -7.84 44.77 2.99
C GLY B 148 -6.46 45.31 3.23
N LEU B 149 -5.50 44.47 3.57
CA LEU B 149 -4.13 44.88 3.87
C LEU B 149 -3.22 45.00 2.68
N GLY B 150 -3.62 44.43 1.58
CA GLY B 150 -2.77 44.36 0.41
C GLY B 150 -1.62 43.38 0.56
N LYS B 151 -0.44 43.74 0.10
CA LYS B 151 0.66 42.80 0.04
C LYS B 151 1.16 42.40 1.42
N LEU B 152 1.14 41.09 1.72
CA LEU B 152 1.67 40.51 2.99
C LEU B 152 3.05 39.95 2.72
N ASN B 153 4.02 40.23 3.61
CA ASN B 153 5.46 39.94 3.46
C ASN B 153 6.06 39.12 4.57
N SER B 154 5.26 38.74 5.56
CA SER B 154 5.84 38.18 6.78
C SER B 154 4.81 37.40 7.57
N ILE B 155 5.26 36.60 8.54
CA ILE B 155 4.33 35.93 9.44
C ILE B 155 3.53 36.95 10.24
N GLU B 156 4.18 38.03 10.66
CA GLU B 156 3.51 39.09 11.35
C GLU B 156 2.35 39.68 10.54
N ASP B 157 2.60 39.91 9.27
CA ASP B 157 1.51 40.39 8.38
C ASP B 157 0.39 39.37 8.28
N MET B 158 0.78 38.11 8.16
CA MET B 158 -0.17 37.01 8.11
C MET B 158 -1.02 36.95 9.37
N LYS B 159 -0.42 37.23 10.53
CA LYS B 159 -1.20 37.26 11.76
C LYS B 159 -2.26 38.34 11.71
N LYS B 160 -1.88 39.52 11.23
CA LYS B 160 -2.85 40.62 11.11
C LYS B 160 -3.96 40.24 10.16
N ALA B 161 -3.62 39.68 9.00
CA ALA B 161 -4.64 39.30 8.01
C ALA B 161 -5.56 38.19 8.55
N ALA B 162 -4.99 37.22 9.28
CA ALA B 162 -5.77 36.14 9.87
C ALA B 162 -6.78 36.64 10.88
N THR B 163 -6.35 37.60 11.73
CA THR B 163 -7.24 38.24 12.67
C THR B 163 -8.43 38.84 11.98
N ILE B 164 -8.14 39.63 10.94
CA ILE B 164 -9.18 40.38 10.24
C ILE B 164 -10.16 39.41 9.56
N ILE B 165 -9.63 38.37 8.93
CA ILE B 165 -10.49 37.39 8.27
C ILE B 165 -11.35 36.62 9.25
N PHE B 166 -10.76 36.19 10.35
CA PHE B 166 -11.50 35.55 11.42
C PHE B 166 -12.61 36.42 11.92
N ASP B 167 -12.32 37.71 12.13
CA ASP B 167 -13.31 38.63 12.67
C ASP B 167 -14.45 38.89 11.66
N LYS B 168 -14.19 38.65 10.36
CA LYS B 168 -15.25 38.70 9.34
C LYS B 168 -16.16 37.44 9.38
N GLY B 169 -15.79 36.46 10.21
CA GLY B 169 -16.72 35.42 10.64
C GLY B 169 -16.29 33.97 10.30
N ALA B 170 -15.12 33.79 9.68
CA ALA B 170 -14.61 32.46 9.42
C ALA B 170 -14.16 31.85 10.74
N GLN B 171 -14.55 30.60 11.00
CA GLN B 171 -14.25 29.96 12.27
C GLN B 171 -12.79 29.64 12.45
N HIS B 172 -12.14 29.31 11.35
CA HIS B 172 -10.75 28.96 11.27
C HIS B 172 -10.18 29.52 9.99
N VAL B 173 -8.97 30.02 10.08
CA VAL B 173 -8.27 30.62 8.95
C VAL B 173 -6.89 29.98 8.80
N ILE B 174 -6.59 29.49 7.61
CA ILE B 174 -5.21 29.11 7.26
C ILE B 174 -4.77 29.92 6.04
N ILE B 175 -3.75 30.74 6.25
CA ILE B 175 -3.12 31.48 5.18
C ILE B 175 -1.87 30.77 4.75
N LYS B 176 -1.86 30.40 3.47
CA LYS B 176 -0.71 29.70 2.89
C LYS B 176 0.36 30.70 2.47
N GLY B 177 1.54 30.59 2.98
CA GLY B 177 2.61 31.45 2.57
C GLY B 177 3.22 30.90 1.32
N GLY B 178 3.74 29.69 1.45
CA GLY B 178 4.35 28.99 0.32
C GLY B 178 5.45 29.81 -0.35
N LYS B 179 5.56 29.67 -1.66
CA LYS B 179 6.67 30.24 -2.45
C LYS B 179 6.63 31.76 -2.36
N ALA B 180 5.43 32.33 -2.17
CA ALA B 180 5.27 33.78 -2.05
C ALA B 180 5.95 34.41 -0.85
N LEU B 181 6.09 33.62 0.23
CA LEU B 181 6.63 34.11 1.46
C LEU B 181 8.11 33.88 1.57
N ASP B 182 8.57 32.68 1.25
CA ASP B 182 9.95 32.26 1.52
C ASP B 182 10.25 31.11 0.59
N GLN B 183 11.54 30.83 0.30
CA GLN B 183 11.85 29.52 -0.35
C GLN B 183 12.80 28.52 0.26
N ASP B 184 13.00 28.55 1.57
CA ASP B 184 13.74 27.47 2.26
C ASP B 184 12.73 26.54 2.90
N LYS B 185 11.60 27.10 3.32
CA LYS B 185 10.58 26.29 3.87
C LYS B 185 9.27 26.87 3.44
N SER B 186 8.26 26.03 3.56
CA SER B 186 6.90 26.35 3.22
C SER B 186 6.09 26.59 4.50
N TYR B 187 5.89 27.86 4.79
CA TYR B 187 5.18 28.28 5.99
C TYR B 187 3.76 28.63 5.68
N ASP B 188 2.86 28.14 6.51
CA ASP B 188 1.48 28.55 6.57
C ASP B 188 1.14 29.02 7.98
N LEU B 189 0.11 29.84 8.10
CA LEU B 189 -0.31 30.40 9.40
C LEU B 189 -1.77 30.03 9.64
N TYR B 190 -2.00 29.24 10.68
CA TYR B 190 -3.32 28.85 11.12
C TYR B 190 -3.75 29.65 12.34
N TYR B 191 -5.01 30.07 12.33
CA TYR B 191 -5.61 30.84 13.40
C TYR B 191 -7.03 30.39 13.72
N ASP B 192 -7.30 30.21 15.01
CA ASP B 192 -8.61 29.75 15.47
C ASP B 192 -9.34 30.76 16.35
N GLY B 193 -8.86 32.01 16.32
CA GLY B 193 -9.42 33.05 17.16
C GLY B 193 -8.74 33.20 18.52
N GLN B 194 -7.90 32.24 18.88
CA GLN B 194 -7.28 32.22 20.18
C GLN B 194 -5.76 32.15 20.08
N THR B 195 -5.26 31.33 19.17
CA THR B 195 -3.84 31.06 19.06
C THR B 195 -3.42 31.05 17.59
N PHE B 196 -2.21 31.54 17.34
CA PHE B 196 -1.66 31.53 16.00
C PHE B 196 -0.66 30.40 15.97
N TYR B 197 -0.84 29.51 14.99
CA TYR B 197 0.11 28.43 14.76
C TYR B 197 0.76 28.52 13.39
N GLN B 198 2.07 28.43 13.38
CA GLN B 198 2.88 28.33 12.20
C GLN B 198 3.05 26.85 11.88
N LEU B 199 2.76 26.51 10.64
CA LEU B 199 2.93 25.20 10.10
C LEU B 199 4.03 25.22 9.06
N THR B 200 4.93 24.26 9.13
CA THR B 200 6.12 24.26 8.34
C THR B 200 6.35 22.80 7.76
N THR B 201 6.72 22.76 6.48
CA THR B 201 7.45 21.64 5.91
C THR B 201 8.64 22.21 5.14
N ASP B 202 9.51 21.33 4.68
CA ASP B 202 10.54 21.75 3.75
C ASP B 202 9.81 22.33 2.50
N MET B 203 10.51 23.20 1.81
CA MET B 203 10.14 23.66 0.51
C MET B 203 10.66 22.61 -0.47
N PHE B 204 9.75 22.00 -1.20
CA PHE B 204 10.08 21.02 -2.21
C PHE B 204 10.14 21.68 -3.57
N GLN B 205 10.39 20.86 -4.59
CA GLN B 205 10.48 21.40 -5.93
C GLN B 205 9.29 22.27 -6.29
N GLN B 206 9.58 23.37 -6.98
CA GLN B 206 8.58 24.40 -7.29
C GLN B 206 8.11 24.39 -8.73
N SER B 207 8.69 23.51 -9.53
CA SER B 207 8.39 23.44 -10.96
C SER B 207 7.01 22.86 -11.24
N TYR B 208 6.67 21.78 -10.52
CA TYR B 208 5.45 21.06 -10.80
C TYR B 208 4.54 21.07 -9.57
N ASN B 209 3.75 22.13 -9.44
CA ASN B 209 2.91 22.37 -8.27
C ASN B 209 1.45 22.64 -8.66
N HIS B 210 1.08 22.30 -9.89
CA HIS B 210 -0.27 22.59 -10.35
C HIS B 210 -1.30 21.78 -9.59
N GLY B 211 -2.30 22.46 -9.04
CA GLY B 211 -3.33 21.80 -8.26
C GLY B 211 -3.10 21.78 -6.76
N ALA B 212 -1.96 22.31 -6.32
CA ALA B 212 -1.64 22.26 -4.90
C ALA B 212 -2.71 22.92 -4.02
N GLY B 213 -3.12 24.13 -4.38
CA GLY B 213 -4.11 24.84 -3.56
C GLY B 213 -5.45 24.14 -3.52
N CYS B 214 -5.92 23.65 -4.68
CA CYS B 214 -7.17 22.94 -4.69
C CYS B 214 -7.11 21.69 -3.83
N THR B 215 -6.00 20.98 -3.99
CA THR B 215 -5.78 19.75 -3.27
C THR B 215 -5.77 19.99 -1.76
N PHE B 216 -5.09 21.07 -1.35
CA PHE B 216 -5.06 21.43 0.08
C PHE B 216 -6.46 21.63 0.66
N ALA B 217 -7.28 22.43 -0.06
CA ALA B 217 -8.61 22.71 0.45
C ALA B 217 -9.52 21.45 0.40
N ALA B 218 -9.36 20.65 -0.67
CA ALA B 218 -10.11 19.42 -0.77
C ALA B 218 -9.76 18.46 0.37
N ALA B 219 -8.47 18.36 0.69
CA ALA B 219 -8.05 17.45 1.75
C ALA B 219 -8.61 17.94 3.10
N THR B 220 -8.53 19.27 3.32
CA THR B 220 -9.07 19.86 4.57
C THR B 220 -10.52 19.40 4.73
N THR B 221 -11.28 19.48 3.63
CA THR B 221 -12.68 19.17 3.66
C THR B 221 -12.91 17.70 4.02
N ALA B 222 -12.19 16.81 3.36
CA ALA B 222 -12.35 15.34 3.59
C ALA B 222 -11.94 14.97 5.02
N TYR B 223 -10.88 15.60 5.50
CA TYR B 223 -10.40 15.30 6.84
C TYR B 223 -11.43 15.75 7.90
N LEU B 224 -12.03 16.94 7.70
CA LEU B 224 -13.13 17.37 8.59
C LEU B 224 -14.30 16.38 8.51
N ALA B 225 -14.71 16.00 7.30
CA ALA B 225 -15.83 15.06 7.16
C ALA B 225 -15.59 13.73 7.90
N ASN B 226 -14.34 13.28 7.89
CA ASN B 226 -13.97 12.02 8.53
C ASN B 226 -13.63 12.14 10.00
N GLY B 227 -13.79 13.33 10.55
CA GLY B 227 -13.82 13.54 12.00
C GLY B 227 -12.63 14.20 12.65
N LYS B 228 -11.67 14.68 11.87
CA LYS B 228 -10.60 15.48 12.42
C LYS B 228 -11.10 16.87 12.82
N SER B 229 -10.56 17.41 13.90
CA SER B 229 -10.85 18.77 14.27
C SER B 229 -10.28 19.70 13.20
N PRO B 230 -10.74 20.96 13.14
CA PRO B 230 -10.19 21.91 12.16
C PRO B 230 -8.67 22.02 12.18
N LYS B 231 -8.05 22.15 13.37
CA LYS B 231 -6.60 22.24 13.46
C LYS B 231 -5.99 20.94 12.89
N GLU B 232 -6.48 19.77 13.34
CA GLU B 232 -5.89 18.52 12.87
C GLU B 232 -6.10 18.34 11.37
N ALA B 233 -7.24 18.80 10.87
CA ALA B 233 -7.57 18.68 9.43
C ALA B 233 -6.60 19.52 8.58
N VAL B 234 -6.32 20.75 9.01
CA VAL B 234 -5.41 21.61 8.29
CA VAL B 234 -5.42 21.57 8.22
C VAL B 234 -3.97 21.07 8.29
N ILE B 235 -3.54 20.58 9.46
CA ILE B 235 -2.22 19.99 9.56
C ILE B 235 -2.12 18.75 8.64
N SER B 236 -3.14 17.87 8.68
CA SER B 236 -3.15 16.67 7.85
C SER B 236 -3.20 17.05 6.39
N ALA B 237 -3.97 18.10 6.08
CA ALA B 237 -4.05 18.53 4.67
C ALA B 237 -2.73 19.06 4.14
N LYS B 238 -1.99 19.76 5.02
CA LYS B 238 -0.68 20.28 4.61
C LYS B 238 0.27 19.11 4.33
N ALA B 239 0.25 18.08 5.18
CA ALA B 239 1.08 16.93 4.96
C ALA B 239 0.73 16.20 3.66
N PHE B 240 -0.57 16.08 3.43
CA PHE B 240 -1.11 15.42 2.25
C PHE B 240 -0.63 16.14 0.99
N VAL B 241 -0.77 17.47 0.95
CA VAL B 241 -0.37 18.17 -0.24
CA VAL B 241 -0.34 18.23 -0.23
C VAL B 241 1.16 18.29 -0.36
N ALA B 242 1.87 18.30 0.78
CA ALA B 242 3.30 18.35 0.71
C ALA B 242 3.83 17.12 -0.06
N SER B 243 3.29 15.93 0.27
CA SER B 243 3.71 14.73 -0.45
C SER B 243 3.35 14.83 -1.93
N ALA B 244 2.15 15.34 -2.23
CA ALA B 244 1.72 15.48 -3.60
C ALA B 244 2.65 16.44 -4.39
N ILE B 245 3.08 17.51 -3.73
CA ILE B 245 3.99 18.47 -4.35
C ILE B 245 5.36 17.83 -4.56
N LYS B 246 5.88 17.18 -3.52
CA LYS B 246 7.20 16.58 -3.61
C LYS B 246 7.28 15.63 -4.80
N ASN B 247 6.15 14.95 -5.04
CA ASN B 247 6.04 13.95 -6.12
C ASN B 247 5.37 14.43 -7.40
N GLY B 248 5.30 15.75 -7.55
CA GLY B 248 4.79 16.35 -8.77
C GLY B 248 5.60 15.97 -9.99
N TRP B 249 5.04 16.12 -11.18
CA TRP B 249 5.70 15.69 -12.39
C TRP B 249 5.37 16.59 -13.58
N LYS B 250 6.21 16.52 -14.60
CA LYS B 250 6.04 17.34 -15.79
C LYS B 250 5.03 16.73 -16.76
N MET B 251 3.86 17.36 -16.85
CA MET B 251 2.93 16.96 -17.97
CA MET B 251 2.94 16.98 -17.98
C MET B 251 3.18 17.42 -19.48
N ASN B 252 3.52 18.70 -19.51
CA ASN B 252 4.02 19.35 -20.71
C ASN B 252 4.86 20.56 -20.33
N ASP B 253 5.23 21.38 -21.29
CA ASP B 253 6.05 22.56 -21.01
C ASP B 253 5.36 23.60 -20.17
N PHE B 254 4.04 23.53 -20.09
CA PHE B 254 3.25 24.56 -19.44
C PHE B 254 2.81 24.20 -18.03
N VAL B 255 2.61 22.92 -17.78
CA VAL B 255 2.03 22.50 -16.52
C VAL B 255 2.62 21.19 -15.98
N GLY B 256 2.79 21.16 -14.67
CA GLY B 256 3.21 19.99 -13.95
C GLY B 256 2.34 19.81 -12.73
N PRO B 257 1.48 18.70 -12.82
CA PRO B 257 0.60 18.56 -11.66
C PRO B 257 1.22 17.91 -10.42
N VAL B 258 0.65 18.21 -9.27
CA VAL B 258 0.95 17.47 -8.07
C VAL B 258 0.43 16.05 -8.22
N ASP B 259 1.03 15.10 -7.51
CA ASP B 259 0.57 13.71 -7.50
C ASP B 259 -0.38 13.53 -6.35
N HIS B 260 -1.67 13.63 -6.63
CA HIS B 260 -2.70 13.66 -5.58
C HIS B 260 -2.62 12.40 -4.71
N GLY B 261 -2.19 11.27 -5.27
CA GLY B 261 -2.10 10.02 -4.53
C GLY B 261 -0.81 9.74 -3.81
N ALA B 262 0.12 10.69 -3.79
CA ALA B 262 1.45 10.45 -3.26
C ALA B 262 1.45 10.16 -1.79
N TYR B 263 0.60 10.84 -1.04
CA TYR B 263 0.58 10.63 0.39
C TYR B 263 0.29 9.18 0.74
N ASN B 264 -0.67 8.54 0.05
CA ASN B 264 -1.03 7.21 0.42
C ASN B 264 -0.16 6.16 -0.27
N ARG B 265 0.41 6.47 -1.42
CA ARG B 265 1.14 5.50 -2.25
C ARG B 265 2.65 5.57 -2.05
N ILE B 266 3.16 6.78 -1.80
CA ILE B 266 4.59 7.04 -1.79
C ILE B 266 5.16 7.30 -0.41
N GLU B 267 4.74 8.37 0.24
CA GLU B 267 5.29 8.74 1.51
C GLU B 267 4.43 9.81 2.22
N HIS B 268 4.47 9.81 3.53
CA HIS B 268 3.97 10.91 4.36
C HIS B 268 5.07 11.94 4.59
N ILE B 269 4.66 13.17 4.88
CA ILE B 269 5.60 14.21 5.23
CA ILE B 269 5.58 14.26 5.22
C ILE B 269 5.13 14.84 6.55
N ASP B 270 6.04 14.98 7.50
CA ASP B 270 5.64 15.52 8.80
C ASP B 270 5.60 17.07 8.74
N VAL B 271 4.63 17.62 9.44
CA VAL B 271 4.44 19.09 9.56
C VAL B 271 4.93 19.51 10.95
N GLU B 272 5.80 20.51 10.98
CA GLU B 272 6.22 21.13 12.24
C GLU B 272 5.22 22.20 12.60
N VAL B 273 4.74 22.16 13.84
CA VAL B 273 3.74 23.07 14.32
C VAL B 273 4.30 23.84 15.53
N THR B 274 4.29 25.17 15.45
CA THR B 274 4.80 26.00 16.53
C THR B 274 3.87 27.19 16.73
N GLU B 275 3.62 27.54 18.00
CA GLU B 275 2.86 28.75 18.34
C GLU B 275 3.71 29.97 18.05
N VAL B 276 3.11 30.94 17.37
CA VAL B 276 3.81 32.20 17.02
C VAL B 276 3.01 33.44 17.42
N GLY C 1 34.18 -22.62 8.13
CA GLY C 1 34.03 -21.60 7.06
C GLY C 1 32.88 -20.66 7.38
N ALA C 2 32.57 -19.82 6.40
CA ALA C 2 31.58 -18.80 6.54
C ALA C 2 30.19 -19.39 6.71
N LEU C 3 29.32 -18.63 7.35
CA LEU C 3 27.90 -18.98 7.34
C LEU C 3 27.44 -19.00 5.88
N LYS C 4 26.65 -19.99 5.55
CA LYS C 4 26.03 -20.02 4.24
CA LYS C 4 26.01 -20.03 4.25
C LYS C 4 24.89 -18.99 4.17
N LYS C 5 24.84 -18.25 3.08
CA LYS C 5 23.86 -17.22 2.85
C LYS C 5 22.65 -17.81 2.18
N VAL C 6 21.52 -17.76 2.84
CA VAL C 6 20.33 -18.42 2.35
C VAL C 6 19.21 -17.39 2.19
N LEU C 7 18.79 -17.18 0.93
CA LEU C 7 17.77 -16.21 0.58
C LEU C 7 16.43 -16.89 0.41
N THR C 8 15.40 -16.33 1.01
CA THR C 8 14.04 -16.65 0.69
C THR C 8 13.37 -15.51 -0.04
N ILE C 9 12.62 -15.87 -1.09
CA ILE C 9 11.81 -14.92 -1.84
C ILE C 9 10.38 -15.26 -1.48
N ALA C 10 9.75 -14.41 -0.65
CA ALA C 10 8.63 -14.82 0.14
C ALA C 10 7.84 -13.65 0.64
N GLY C 11 6.62 -13.91 1.09
CA GLY C 11 5.80 -12.92 1.69
C GLY C 11 5.89 -12.90 3.21
N SER C 12 5.45 -11.81 3.81
CA SER C 12 5.40 -11.69 5.25
C SER C 12 4.07 -12.22 5.76
N ASP C 13 4.14 -13.21 6.65
CA ASP C 13 3.02 -13.70 7.44
C ASP C 13 3.00 -12.95 8.72
N THR C 14 2.12 -11.95 8.84
CA THR C 14 2.20 -11.10 10.05
C THR C 14 2.06 -11.94 11.34
N SER C 15 1.28 -13.02 11.32
CA SER C 15 1.14 -13.89 12.48
C SER C 15 2.46 -14.59 12.88
N ALA C 16 3.41 -14.62 11.95
CA ALA C 16 4.79 -14.99 12.16
C ALA C 16 5.09 -16.49 12.33
N GLY C 17 4.17 -17.32 11.89
CA GLY C 17 4.37 -18.76 11.92
C GLY C 17 4.82 -19.38 10.59
N ALA C 18 4.39 -18.76 9.49
CA ALA C 18 4.68 -19.19 8.12
C ALA C 18 5.43 -18.07 7.37
N GLY C 19 5.55 -18.19 6.04
CA GLY C 19 6.14 -17.15 5.26
C GLY C 19 7.60 -16.92 5.57
N MET C 20 8.03 -15.70 5.31
CA MET C 20 9.44 -15.30 5.48
C MET C 20 9.82 -15.42 6.96
N GLN C 21 8.84 -15.30 7.87
CA GLN C 21 9.13 -15.41 9.32
C GLN C 21 9.59 -16.83 9.61
N ALA C 22 8.80 -17.81 9.17
CA ALA C 22 9.20 -19.22 9.37
C ALA C 22 10.55 -19.45 8.73
N ASP C 23 10.74 -18.88 7.55
CA ASP C 23 11.96 -19.08 6.82
C ASP C 23 13.17 -18.57 7.63
N LEU C 24 13.17 -17.28 7.96
CA LEU C 24 14.25 -16.70 8.72
C LEU C 24 14.50 -17.43 10.05
N LYS C 25 13.44 -17.79 10.73
CA LYS C 25 13.56 -18.50 11.98
C LYS C 25 14.27 -19.84 11.83
N THR C 26 13.83 -20.58 10.81
CA THR C 26 14.39 -21.89 10.49
C THR C 26 15.81 -21.78 10.06
N PHE C 27 16.10 -20.82 9.16
CA PHE C 27 17.49 -20.58 8.74
C PHE C 27 18.42 -20.32 9.95
N GLN C 28 17.91 -19.56 10.91
CA GLN C 28 18.69 -19.21 12.10
C GLN C 28 18.92 -20.44 12.96
N GLU C 29 17.87 -21.23 13.16
CA GLU C 29 17.94 -22.48 13.93
C GLU C 29 18.98 -23.45 13.32
N LEU C 30 19.15 -23.39 12.00
CA LEU C 30 20.07 -24.28 11.28
C LEU C 30 21.39 -23.62 10.93
N ASP C 31 21.74 -22.58 11.69
CA ASP C 31 23.08 -22.02 11.62
C ASP C 31 23.51 -21.60 10.22
N THR C 32 22.57 -20.87 9.56
CA THR C 32 22.85 -20.23 8.30
C THR C 32 22.55 -18.73 8.46
N TYR C 33 22.95 -17.95 7.47
CA TYR C 33 22.66 -16.50 7.43
C TYR C 33 21.43 -16.23 6.55
N GLY C 34 20.31 -16.06 7.20
CA GLY C 34 19.05 -15.86 6.52
C GLY C 34 18.89 -14.48 5.90
N MET C 35 18.33 -14.43 4.69
CA MET C 35 17.99 -13.21 3.98
C MET C 35 16.61 -13.36 3.38
N VAL C 36 15.93 -12.23 3.17
CA VAL C 36 14.64 -12.23 2.51
C VAL C 36 14.52 -11.12 1.47
N ALA C 37 13.89 -11.45 0.35
CA ALA C 37 13.33 -10.49 -0.59
C ALA C 37 11.81 -10.62 -0.48
N LEU C 38 11.17 -9.57 0.03
CA LEU C 38 9.76 -9.62 0.33
C LEU C 38 8.94 -9.34 -0.93
N THR C 39 7.89 -10.14 -1.10
CA THR C 39 6.97 -10.02 -2.27
C THR C 39 5.62 -9.43 -1.93
N ALA C 40 5.19 -9.53 -0.68
CA ALA C 40 3.82 -9.23 -0.25
C ALA C 40 3.79 -9.22 1.27
N ILE C 41 2.75 -8.64 1.85
CA ILE C 41 2.44 -8.66 3.25
C ILE C 41 1.05 -9.23 3.45
N VAL C 42 0.95 -10.27 4.28
CA VAL C 42 -0.33 -10.86 4.61
C VAL C 42 -0.70 -10.47 6.04
N THR C 43 -1.93 -9.95 6.19
CA THR C 43 -2.49 -9.57 7.45
C THR C 43 -3.79 -10.28 7.68
N MET C 44 -4.26 -10.23 8.90
CA MET C 44 -5.45 -10.95 9.33
C MET C 44 -6.35 -10.05 10.18
N ASP C 45 -7.63 -10.04 9.85
CA ASP C 45 -8.64 -9.30 10.55
C ASP C 45 -8.76 -9.79 12.00
N LYS C 46 -8.83 -8.88 12.97
CA LYS C 46 -8.88 -9.26 14.37
C LYS C 46 -10.14 -10.05 14.76
N ASP C 47 -11.24 -9.83 14.06
CA ASP C 47 -12.50 -10.45 14.47
C ASP C 47 -12.76 -11.79 13.80
N THR C 48 -12.38 -11.89 12.52
CA THR C 48 -12.68 -13.10 11.71
C THR C 48 -11.46 -13.84 11.17
N TRP C 49 -10.27 -13.23 11.33
CA TRP C 49 -9.02 -13.79 10.80
C TRP C 49 -9.03 -14.00 9.30
N SER C 50 -9.93 -13.30 8.63
CA SER C 50 -9.91 -13.25 7.20
C SER C 50 -8.54 -12.65 6.75
N HIS C 51 -7.94 -13.28 5.76
CA HIS C 51 -6.66 -12.83 5.24
C HIS C 51 -6.76 -11.75 4.18
N ASP C 52 -5.76 -10.88 4.20
CA ASP C 52 -5.65 -9.82 3.22
C ASP C 52 -4.20 -9.81 2.74
N VAL C 53 -4.00 -9.92 1.43
CA VAL C 53 -2.70 -9.99 0.81
C VAL C 53 -2.45 -8.66 0.09
N THR C 54 -1.46 -7.92 0.61
CA THR C 54 -0.99 -6.67 0.03
C THR C 54 0.26 -6.90 -0.76
N PRO C 55 0.15 -6.88 -2.10
CA PRO C 55 1.36 -7.11 -2.86
C PRO C 55 2.30 -5.90 -2.75
N LEU C 56 3.59 -6.17 -2.81
CA LEU C 56 4.59 -5.10 -2.88
C LEU C 56 4.87 -4.73 -4.35
N PRO C 57 5.14 -3.43 -4.60
CA PRO C 57 5.38 -3.03 -5.97
C PRO C 57 6.63 -3.60 -6.59
N MET C 58 6.61 -3.83 -7.89
CA MET C 58 7.75 -4.40 -8.54
C MET C 58 9.03 -3.61 -8.33
N ASP C 59 8.95 -2.27 -8.25
CA ASP C 59 10.20 -1.53 -8.12
C ASP C 59 10.96 -1.90 -6.81
N VAL C 60 10.24 -1.98 -5.69
CA VAL C 60 10.86 -2.32 -4.41
C VAL C 60 11.28 -3.81 -4.43
N PHE C 61 10.51 -4.68 -5.11
CA PHE C 61 10.93 -6.04 -5.21
C PHE C 61 12.29 -6.14 -5.93
N GLU C 62 12.41 -5.45 -7.04
CA GLU C 62 13.64 -5.44 -7.80
C GLU C 62 14.84 -4.84 -7.06
N LYS C 63 14.60 -3.79 -6.30
CA LYS C 63 15.68 -3.19 -5.48
C LYS C 63 16.18 -4.24 -4.47
N GLN C 64 15.24 -4.98 -3.88
CA GLN C 64 15.64 -6.00 -2.90
C GLN C 64 16.47 -7.09 -3.56
N LEU C 65 16.05 -7.55 -4.74
CA LEU C 65 16.80 -8.56 -5.45
C LEU C 65 18.20 -8.09 -5.84
N GLU C 66 18.35 -6.81 -6.22
CA GLU C 66 19.67 -6.28 -6.55
C GLU C 66 20.59 -6.39 -5.35
N THR C 67 20.09 -5.98 -4.18
CA THR C 67 20.90 -6.08 -2.95
C THR C 67 21.25 -7.52 -2.63
N ALA C 68 20.26 -8.41 -2.70
CA ALA C 68 20.48 -9.79 -2.37
C ALA C 68 21.44 -10.48 -3.32
N LEU C 69 21.28 -10.20 -4.62
CA LEU C 69 22.17 -10.76 -5.63
C LEU C 69 23.61 -10.31 -5.43
N SER C 70 23.77 -9.02 -5.07
CA SER C 70 25.08 -8.48 -4.82
C SER C 70 25.76 -9.23 -3.65
N ILE C 71 25.00 -9.45 -2.60
CA ILE C 71 25.52 -10.17 -1.45
C ILE C 71 25.98 -11.59 -1.82
N GLY C 72 25.21 -12.25 -2.68
CA GLY C 72 25.58 -13.54 -3.22
C GLY C 72 25.07 -14.72 -2.41
N PRO C 73 23.80 -15.12 -2.64
CA PRO C 73 23.32 -16.26 -1.90
C PRO C 73 23.96 -17.59 -2.30
N ASP C 74 24.11 -18.48 -1.32
CA ASP C 74 24.53 -19.84 -1.56
C ASP C 74 23.36 -20.76 -1.90
N ALA C 75 22.18 -20.42 -1.43
CA ALA C 75 20.98 -21.18 -1.71
C ALA C 75 19.80 -20.21 -1.73
N ILE C 76 18.78 -20.55 -2.51
CA ILE C 76 17.61 -19.73 -2.60
C ILE C 76 16.37 -20.64 -2.47
N LYS C 77 15.43 -20.20 -1.65
CA LYS C 77 14.10 -20.79 -1.54
CA LYS C 77 14.10 -20.77 -1.52
C LYS C 77 13.07 -19.79 -2.07
N THR C 78 12.05 -20.31 -2.76
CA THR C 78 10.88 -19.50 -3.05
C THR C 78 9.67 -20.00 -2.26
N GLY C 79 8.89 -19.04 -1.78
CA GLY C 79 7.64 -19.31 -1.07
C GLY C 79 6.54 -18.65 -1.87
N MET C 80 5.87 -17.69 -1.25
CA MET C 80 4.81 -16.88 -1.92
C MET C 80 5.41 -15.91 -2.87
N LEU C 81 5.05 -16.06 -4.16
CA LEU C 81 5.52 -15.21 -5.22
C LEU C 81 4.38 -14.22 -5.66
N GLY C 82 3.20 -14.78 -5.95
CA GLY C 82 1.97 -14.01 -6.16
C GLY C 82 1.59 -13.67 -7.59
N THR C 83 2.60 -13.46 -8.45
CA THR C 83 2.32 -13.07 -9.82
C THR C 83 3.28 -13.76 -10.79
N GLU C 84 2.86 -13.89 -12.03
CA GLU C 84 3.73 -14.48 -13.06
C GLU C 84 5.02 -13.69 -13.23
N GLU C 85 4.95 -12.36 -13.09
CA GLU C 85 6.17 -11.51 -13.20
C GLU C 85 7.19 -11.86 -12.11
N ILE C 86 6.69 -12.03 -10.89
CA ILE C 86 7.58 -12.35 -9.76
C ILE C 86 8.12 -13.77 -9.88
N ILE C 87 7.27 -14.71 -10.29
CA ILE C 87 7.69 -16.08 -10.53
C ILE C 87 8.86 -16.09 -11.51
N LYS C 88 8.72 -15.39 -12.63
CA LYS C 88 9.77 -15.36 -13.62
C LYS C 88 11.04 -14.75 -13.05
N ARG C 89 10.89 -13.60 -12.40
CA ARG C 89 12.05 -12.94 -11.78
C ARG C 89 12.80 -13.81 -10.75
N ALA C 90 12.06 -14.57 -9.96
CA ALA C 90 12.68 -15.44 -8.94
C ALA C 90 13.58 -16.48 -9.61
N GLY C 91 13.11 -17.08 -10.70
CA GLY C 91 13.92 -18.03 -11.40
C GLY C 91 15.17 -17.35 -11.95
N GLU C 92 14.98 -16.16 -12.48
CA GLU C 92 16.08 -15.42 -13.09
C GLU C 92 17.15 -15.00 -12.08
N VAL C 93 16.74 -14.63 -10.85
CA VAL C 93 17.77 -14.23 -9.88
C VAL C 93 18.55 -15.45 -9.47
N TYR C 94 17.88 -16.61 -9.43
CA TYR C 94 18.61 -17.85 -9.11
C TYR C 94 19.68 -18.09 -10.16
N GLU C 95 19.26 -18.05 -11.42
CA GLU C 95 20.20 -18.21 -12.53
C GLU C 95 21.34 -17.22 -12.53
N ALA C 96 21.03 -15.97 -12.22
CA ALA C 96 22.05 -14.92 -12.22
C ALA C 96 23.06 -15.05 -11.07
N SER C 97 22.62 -15.61 -9.95
CA SER C 97 23.43 -15.84 -8.77
C SER C 97 24.41 -16.98 -8.99
N ASN C 98 25.33 -17.14 -8.04
CA ASN C 98 26.15 -18.37 -7.99
C ASN C 98 25.62 -19.39 -7.01
N ALA C 99 24.34 -19.30 -6.69
CA ALA C 99 23.75 -20.28 -5.78
C ALA C 99 23.70 -21.67 -6.41
N GLN C 100 24.02 -22.71 -5.63
CA GLN C 100 23.96 -24.07 -6.13
C GLN C 100 22.65 -24.81 -5.87
N TYR C 101 21.78 -24.25 -5.03
CA TYR C 101 20.56 -24.87 -4.60
C TYR C 101 19.38 -23.94 -4.74
N PHE C 102 18.32 -24.45 -5.34
CA PHE C 102 17.06 -23.75 -5.51
C PHE C 102 15.96 -24.67 -5.03
N VAL C 103 15.26 -24.26 -3.98
CA VAL C 103 14.17 -24.99 -3.39
C VAL C 103 12.90 -24.20 -3.65
N VAL C 104 12.02 -24.82 -4.45
CA VAL C 104 10.77 -24.21 -4.81
C VAL C 104 9.63 -24.83 -4.03
N ASP C 105 9.00 -24.01 -3.20
CA ASP C 105 7.82 -24.38 -2.45
C ASP C 105 6.63 -23.79 -3.21
N PRO C 106 5.91 -24.61 -4.01
CA PRO C 106 4.98 -24.10 -5.02
C PRO C 106 3.61 -23.76 -4.43
N VAL C 107 3.66 -22.83 -3.49
CA VAL C 107 2.49 -22.46 -2.69
CA VAL C 107 2.49 -22.51 -2.70
C VAL C 107 1.31 -22.01 -3.56
N MET C 108 0.15 -22.64 -3.35
CA MET C 108 -1.07 -22.28 -4.09
C MET C 108 -2.23 -22.06 -3.12
N GLU C 115 -9.50 -27.79 -7.95
CA GLU C 115 -9.11 -26.80 -8.97
C GLU C 115 -8.69 -25.44 -8.38
N VAL C 116 -7.80 -24.72 -9.07
CA VAL C 116 -7.39 -23.36 -8.65
C VAL C 116 -8.28 -22.35 -9.42
N LEU C 117 -8.42 -21.11 -8.94
CA LEU C 117 -9.32 -20.18 -9.65
C LEU C 117 -8.81 -19.77 -11.04
N ASN C 118 -7.49 -19.58 -11.11
CA ASN C 118 -6.77 -19.25 -12.36
C ASN C 118 -5.52 -20.10 -12.50
N PRO C 119 -5.44 -20.93 -13.56
CA PRO C 119 -4.22 -21.69 -13.79
C PRO C 119 -2.93 -20.87 -14.10
N GLY C 120 -2.98 -19.53 -14.08
CA GLY C 120 -1.87 -18.68 -14.55
C GLY C 120 -0.57 -18.84 -13.76
N ASN C 121 -0.66 -18.77 -12.44
CA ASN C 121 0.54 -18.91 -11.65
C ASN C 121 1.13 -20.33 -11.74
N THR C 122 0.26 -21.34 -11.80
CA THR C 122 0.70 -22.76 -11.91
C THR C 122 1.50 -22.94 -13.19
N GLU C 123 0.94 -22.44 -14.31
CA GLU C 123 1.63 -22.57 -15.57
C GLU C 123 2.97 -21.86 -15.50
N ALA C 124 3.03 -20.71 -14.83
CA ALA C 124 4.29 -19.99 -14.72
C ALA C 124 5.31 -20.75 -13.84
N MET C 125 4.84 -21.42 -12.79
CA MET C 125 5.75 -22.22 -11.99
C MET C 125 6.34 -23.33 -12.81
N ILE C 126 5.48 -23.99 -13.62
CA ILE C 126 5.94 -25.11 -14.48
C ILE C 126 6.99 -24.62 -15.50
N LYS C 127 6.70 -23.47 -16.10
CA LYS C 127 7.56 -22.91 -17.12
C LYS C 127 8.92 -22.39 -16.59
N TYR C 128 8.92 -21.65 -15.49
CA TYR C 128 10.08 -20.91 -15.03
C TYR C 128 10.80 -21.54 -13.84
N LEU C 129 10.05 -22.21 -12.96
CA LEU C 129 10.63 -22.68 -11.69
C LEU C 129 11.02 -24.19 -11.70
N LEU C 130 10.11 -25.07 -12.13
CA LEU C 130 10.40 -26.51 -12.12
C LEU C 130 11.68 -26.87 -12.80
N PRO C 131 11.93 -26.30 -13.99
CA PRO C 131 13.16 -26.69 -14.66
C PRO C 131 14.44 -26.21 -14.01
N LYS C 132 14.33 -25.33 -13.02
CA LYS C 132 15.49 -24.88 -12.26
C LYS C 132 15.64 -25.50 -10.86
N ALA C 133 14.58 -26.17 -10.38
CA ALA C 133 14.49 -26.58 -8.98
C ALA C 133 15.43 -27.73 -8.67
N THR C 134 16.23 -27.55 -7.62
CA THR C 134 16.95 -28.66 -6.99
C THR C 134 15.93 -29.61 -6.34
N VAL C 135 15.02 -29.01 -5.58
CA VAL C 135 13.94 -29.70 -4.88
C VAL C 135 12.68 -28.86 -5.07
N VAL C 136 11.60 -29.51 -5.41
CA VAL C 136 10.27 -28.87 -5.39
C VAL C 136 9.45 -29.63 -4.34
N THR C 137 8.71 -28.88 -3.53
CA THR C 137 8.06 -29.35 -2.32
C THR C 137 6.55 -29.13 -2.25
N PRO C 138 5.80 -29.60 -3.27
CA PRO C 138 4.34 -29.43 -3.23
C PRO C 138 3.65 -30.21 -2.12
N ASN C 139 2.54 -29.67 -1.59
CA ASN C 139 1.63 -30.45 -0.80
C ASN C 139 0.76 -31.25 -1.79
N LEU C 140 -0.15 -32.03 -1.25
CA LEU C 140 -0.87 -33.03 -2.06
C LEU C 140 -1.71 -32.35 -3.13
N PHE C 141 -2.33 -31.24 -2.77
CA PHE C 141 -3.14 -30.47 -3.72
C PHE C 141 -2.27 -29.87 -4.82
N GLU C 142 -1.19 -29.20 -4.42
CA GLU C 142 -0.26 -28.57 -5.34
C GLU C 142 0.34 -29.57 -6.33
N ALA C 143 0.65 -30.77 -5.85
CA ALA C 143 1.20 -31.80 -6.71
C ALA C 143 0.17 -32.23 -7.75
N GLY C 144 -1.10 -32.30 -7.35
CA GLY C 144 -2.18 -32.56 -8.31
C GLY C 144 -2.30 -31.54 -9.42
N GLN C 145 -2.03 -30.28 -9.08
CA GLN C 145 -2.05 -29.18 -10.04
C GLN C 145 -0.83 -29.13 -10.94
N LEU C 146 0.36 -29.26 -10.36
CA LEU C 146 1.57 -29.21 -11.15
C LEU C 146 1.65 -30.40 -12.13
N SER C 147 1.15 -31.56 -11.70
CA SER C 147 1.15 -32.73 -12.55
C SER C 147 -0.01 -32.78 -13.55
N GLY C 148 -1.02 -31.95 -13.30
CA GLY C 148 -2.24 -32.01 -14.08
C GLY C 148 -3.12 -33.20 -13.82
N LEU C 149 -2.78 -34.04 -12.81
CA LEU C 149 -3.58 -35.19 -12.46
C LEU C 149 -4.84 -34.87 -11.65
N GLY C 150 -4.89 -33.69 -11.05
CA GLY C 150 -5.98 -33.35 -10.16
C GLY C 150 -5.80 -34.05 -8.83
N LYS C 151 -6.91 -34.43 -8.22
CA LYS C 151 -6.91 -34.91 -6.84
C LYS C 151 -6.16 -36.20 -6.66
N LEU C 152 -5.21 -36.19 -5.72
CA LEU C 152 -4.41 -37.38 -5.43
C LEU C 152 -4.88 -38.01 -4.13
N ASN C 153 -5.03 -39.34 -4.09
CA ASN C 153 -5.67 -40.02 -2.96
C ASN C 153 -4.86 -41.14 -2.36
N SER C 154 -3.69 -41.43 -2.92
CA SER C 154 -2.90 -42.56 -2.55
C SER C 154 -1.44 -42.31 -2.84
N ILE C 155 -0.60 -43.14 -2.23
CA ILE C 155 0.81 -43.17 -2.56
C ILE C 155 1.04 -43.47 -4.04
N GLU C 156 0.23 -44.37 -4.61
CA GLU C 156 0.33 -44.63 -6.05
C GLU C 156 0.04 -43.37 -6.88
N ASP C 157 -0.99 -42.62 -6.51
CA ASP C 157 -1.26 -41.35 -7.22
C ASP C 157 -0.04 -40.41 -7.06
N MET C 158 0.53 -40.36 -5.86
CA MET C 158 1.65 -39.48 -5.62
C MET C 158 2.87 -39.88 -6.44
N LYS C 159 3.07 -41.19 -6.61
CA LYS C 159 4.16 -41.64 -7.46
C LYS C 159 3.97 -41.15 -8.89
N LYS C 160 2.73 -41.25 -9.39
CA LYS C 160 2.43 -40.75 -10.74
C LYS C 160 2.71 -39.24 -10.86
N ALA C 161 2.24 -38.48 -9.87
CA ALA C 161 2.44 -37.03 -9.87
C ALA C 161 3.93 -36.69 -9.82
N ALA C 162 4.67 -37.39 -8.94
CA ALA C 162 6.11 -37.13 -8.84
C ALA C 162 6.86 -37.42 -10.12
N THR C 163 6.46 -38.49 -10.81
CA THR C 163 6.99 -38.80 -12.14
C THR C 163 6.82 -37.64 -13.09
N ILE C 164 5.59 -37.15 -13.17
CA ILE C 164 5.26 -36.06 -14.06
C ILE C 164 6.09 -34.81 -13.74
N ILE C 165 6.15 -34.47 -12.45
CA ILE C 165 6.81 -33.23 -12.02
C ILE C 165 8.33 -33.32 -12.28
N PHE C 166 8.92 -34.49 -12.02
CA PHE C 166 10.30 -34.73 -12.38
C PHE C 166 10.54 -34.57 -13.90
N ASP C 167 9.61 -35.07 -14.71
CA ASP C 167 9.76 -35.04 -16.14
C ASP C 167 9.64 -33.60 -16.65
N LYS C 168 9.01 -32.72 -15.84
CA LYS C 168 8.92 -31.29 -16.15
C LYS C 168 10.18 -30.53 -15.70
N GLY C 169 11.14 -31.23 -15.12
CA GLY C 169 12.52 -30.72 -14.98
C GLY C 169 13.05 -30.59 -13.54
N ALA C 170 12.20 -30.81 -12.54
CA ALA C 170 12.65 -30.71 -11.14
C ALA C 170 13.58 -31.89 -10.89
N GLN C 171 14.73 -31.65 -10.25
CA GLN C 171 15.72 -32.70 -10.03
C GLN C 171 15.28 -33.71 -8.96
N HIS C 172 14.59 -33.20 -7.99
CA HIS C 172 14.07 -33.91 -6.85
C HIS C 172 12.72 -33.39 -6.48
N VAL C 173 11.84 -34.33 -6.15
CA VAL C 173 10.44 -34.02 -5.82
C VAL C 173 10.08 -34.61 -4.50
N ILE C 174 9.51 -33.78 -3.61
CA ILE C 174 8.88 -34.31 -2.40
C ILE C 174 7.44 -33.82 -2.37
N ILE C 175 6.52 -34.77 -2.39
CA ILE C 175 5.11 -34.47 -2.24
C ILE C 175 4.73 -34.78 -0.82
N LYS C 176 4.23 -33.77 -0.12
CA LYS C 176 3.76 -33.93 1.25
C LYS C 176 2.35 -34.47 1.25
N GLY C 177 2.17 -35.62 1.88
CA GLY C 177 0.84 -36.17 2.03
C GLY C 177 0.13 -35.55 3.20
N GLY C 178 0.67 -35.82 4.39
CA GLY C 178 0.18 -35.25 5.62
C GLY C 178 -1.29 -35.51 5.83
N LYS C 179 -1.97 -34.53 6.41
CA LYS C 179 -3.39 -34.66 6.81
C LYS C 179 -4.34 -34.87 5.64
N ALA C 180 -3.96 -34.37 4.46
CA ALA C 180 -4.79 -34.55 3.26
C ALA C 180 -4.82 -36.02 2.83
N LEU C 181 -3.82 -36.80 3.24
CA LEU C 181 -3.69 -38.17 2.76
C LEU C 181 -4.21 -39.20 3.74
N ASP C 182 -3.80 -39.08 5.01
CA ASP C 182 -4.09 -40.07 6.03
C ASP C 182 -4.04 -39.41 7.40
N GLN C 183 -4.77 -39.98 8.37
CA GLN C 183 -4.87 -39.38 9.72
C GLN C 183 -4.03 -40.07 10.81
N ASP C 184 -3.38 -41.19 10.47
CA ASP C 184 -2.68 -42.00 11.52
C ASP C 184 -1.18 -41.91 11.43
N LYS C 185 -0.66 -41.76 10.22
CA LYS C 185 0.73 -41.48 10.00
C LYS C 185 0.80 -40.32 9.02
N SER C 186 1.90 -39.62 9.10
CA SER C 186 2.11 -38.54 8.21
C SER C 186 3.13 -39.03 7.16
N TYR C 187 2.62 -39.27 5.95
CA TYR C 187 3.42 -39.79 4.84
C TYR C 187 3.79 -38.70 3.86
N ASP C 188 5.04 -38.68 3.41
CA ASP C 188 5.47 -37.89 2.29
C ASP C 188 6.14 -38.83 1.30
N LEU C 189 6.23 -38.41 0.05
CA LEU C 189 6.81 -39.20 -1.02
CA LEU C 189 6.86 -39.19 -0.96
C LEU C 189 7.94 -38.40 -1.68
N TYR C 190 9.16 -38.93 -1.62
CA TYR C 190 10.35 -38.38 -2.25
C TYR C 190 10.71 -39.18 -3.48
N TYR C 191 11.13 -38.50 -4.54
CA TYR C 191 11.53 -39.11 -5.80
C TYR C 191 12.68 -38.35 -6.41
N ASP C 192 13.68 -39.09 -6.87
CA ASP C 192 14.87 -38.55 -7.47
C ASP C 192 15.02 -38.95 -8.94
N GLY C 193 13.94 -39.41 -9.58
CA GLY C 193 14.04 -39.85 -10.96
C GLY C 193 14.31 -41.33 -11.12
N GLN C 194 14.70 -42.01 -10.05
CA GLN C 194 14.81 -43.44 -10.15
C GLN C 194 14.27 -44.26 -9.01
N THR C 195 14.27 -43.75 -7.79
CA THR C 195 13.67 -44.48 -6.67
C THR C 195 12.65 -43.59 -5.94
N PHE C 196 11.54 -44.21 -5.53
CA PHE C 196 10.52 -43.58 -4.71
C PHE C 196 10.72 -43.97 -3.26
N TYR C 197 10.80 -42.97 -2.39
CA TYR C 197 10.92 -43.19 -0.98
C TYR C 197 9.74 -42.62 -0.26
N GLN C 198 9.09 -43.41 0.57
CA GLN C 198 8.07 -42.97 1.48
C GLN C 198 8.69 -42.60 2.80
N LEU C 199 8.40 -41.40 3.28
CA LEU C 199 8.92 -40.91 4.57
C LEU C 199 7.76 -40.82 5.51
N THR C 200 7.94 -41.32 6.74
CA THR C 200 6.84 -41.29 7.67
CA THR C 200 6.87 -41.46 7.69
C THR C 200 7.29 -40.96 9.07
N THR C 201 6.42 -40.23 9.74
CA THR C 201 6.40 -40.14 11.15
C THR C 201 4.96 -40.38 11.60
N ASP C 202 4.77 -40.49 12.90
CA ASP C 202 3.42 -40.47 13.44
C ASP C 202 2.74 -39.19 13.04
N MET C 203 1.41 -39.26 13.00
CA MET C 203 0.59 -38.07 12.91
C MET C 203 0.48 -37.49 14.31
N PHE C 204 0.91 -36.26 14.44
CA PHE C 204 0.89 -35.56 15.72
C PHE C 204 -0.37 -34.71 15.74
N GLN C 205 -0.56 -33.99 16.83
CA GLN C 205 -1.71 -33.10 16.92
C GLN C 205 -1.87 -32.23 15.67
N GLN C 206 -3.11 -32.03 15.27
CA GLN C 206 -3.45 -31.41 14.00
C GLN C 206 -3.99 -30.00 14.24
N SER C 207 -4.14 -29.59 15.51
CA SER C 207 -4.82 -28.34 15.81
C SER C 207 -3.90 -27.17 15.45
N TYR C 208 -2.64 -27.29 15.84
CA TYR C 208 -1.70 -26.17 15.77
C TYR C 208 -0.53 -26.51 14.84
N ASN C 209 -0.75 -26.38 13.52
CA ASN C 209 0.23 -26.80 12.50
C ASN C 209 0.62 -25.65 11.52
N HIS C 210 0.31 -24.43 11.89
CA HIS C 210 0.50 -23.32 10.97
C HIS C 210 2.00 -23.06 10.73
N GLY C 211 2.39 -22.97 9.47
CA GLY C 211 3.76 -22.78 9.06
C GLY C 211 4.56 -24.06 8.83
N ALA C 212 3.90 -25.21 8.96
CA ALA C 212 4.62 -26.47 8.75
C ALA C 212 5.26 -26.57 7.36
N GLY C 213 4.50 -26.24 6.32
CA GLY C 213 5.05 -26.34 4.99
C GLY C 213 6.23 -25.44 4.72
N CYS C 214 6.09 -24.18 5.14
CA CYS C 214 7.15 -23.25 4.90
C CYS C 214 8.41 -23.70 5.67
N THR C 215 8.20 -24.17 6.90
CA THR C 215 9.30 -24.62 7.74
C THR C 215 10.02 -25.80 7.07
N PHE C 216 9.23 -26.77 6.56
CA PHE C 216 9.82 -27.89 5.87
C PHE C 216 10.73 -27.46 4.70
N ALA C 217 10.21 -26.59 3.84
CA ALA C 217 10.98 -26.16 2.69
C ALA C 217 12.19 -25.29 3.10
N ALA C 218 12.02 -24.47 4.13
CA ALA C 218 13.17 -23.69 4.63
C ALA C 218 14.25 -24.60 5.20
N ALA C 219 13.81 -25.63 5.96
CA ALA C 219 14.79 -26.55 6.50
C ALA C 219 15.53 -27.31 5.38
N THR C 220 14.79 -27.75 4.36
CA THR C 220 15.42 -28.44 3.25
C THR C 220 16.51 -27.55 2.62
N THR C 221 16.19 -26.27 2.48
CA THR C 221 17.10 -25.33 1.85
C THR C 221 18.39 -25.15 2.70
N ALA C 222 18.21 -25.00 3.99
CA ALA C 222 19.37 -24.83 4.85
C ALA C 222 20.22 -26.09 4.97
N TYR C 223 19.56 -27.25 5.03
CA TYR C 223 20.31 -28.54 5.07
C TYR C 223 21.13 -28.74 3.78
N LEU C 224 20.58 -28.38 2.62
CA LEU C 224 21.32 -28.44 1.37
C LEU C 224 22.51 -27.47 1.42
N ALA C 225 22.25 -26.27 1.88
CA ALA C 225 23.32 -25.26 1.90
C ALA C 225 24.51 -25.74 2.76
N ASN C 226 24.19 -26.39 3.88
CA ASN C 226 25.21 -26.86 4.82
C ASN C 226 25.81 -28.22 4.45
N GLY C 227 25.41 -28.77 3.28
CA GLY C 227 26.14 -29.83 2.62
C GLY C 227 25.47 -31.20 2.58
N LYS C 228 24.22 -31.28 3.04
CA LYS C 228 23.48 -32.56 2.91
C LYS C 228 23.01 -32.77 1.48
N SER C 229 23.00 -34.01 1.03
CA SER C 229 22.46 -34.40 -0.27
C SER C 229 20.95 -34.14 -0.24
N PRO C 230 20.33 -34.00 -1.41
CA PRO C 230 18.89 -33.81 -1.42
C PRO C 230 18.06 -34.82 -0.61
N LYS C 231 18.37 -36.12 -0.72
CA LYS C 231 17.64 -37.09 0.04
C LYS C 231 17.82 -36.89 1.54
N GLU C 232 19.06 -36.66 1.95
CA GLU C 232 19.33 -36.40 3.37
C GLU C 232 18.73 -35.09 3.85
N ALA C 233 18.73 -34.10 2.99
CA ALA C 233 18.16 -32.83 3.34
C ALA C 233 16.66 -32.95 3.60
N VAL C 234 15.94 -33.71 2.77
CA VAL C 234 14.51 -33.88 2.92
CA VAL C 234 14.50 -33.82 2.96
C VAL C 234 14.15 -34.72 4.16
N ILE C 235 14.94 -35.75 4.42
CA ILE C 235 14.74 -36.57 5.61
C ILE C 235 14.97 -35.77 6.87
N SER C 236 16.04 -35.00 6.83
CA SER C 236 16.39 -34.15 7.98
C SER C 236 15.31 -33.06 8.18
N ALA C 237 14.85 -32.48 7.08
CA ALA C 237 13.79 -31.47 7.16
C ALA C 237 12.51 -32.07 7.73
N LYS C 238 12.18 -33.32 7.34
CA LYS C 238 11.00 -33.90 7.92
C LYS C 238 11.12 -34.05 9.44
N ALA C 239 12.30 -34.49 9.91
CA ALA C 239 12.54 -34.62 11.35
C ALA C 239 12.42 -33.27 12.03
N PHE C 240 12.98 -32.25 11.40
CA PHE C 240 13.00 -30.86 11.97
C PHE C 240 11.58 -30.34 12.11
N VAL C 241 10.78 -30.50 11.04
CA VAL C 241 9.41 -30.01 11.07
C VAL C 241 8.52 -30.87 11.96
N ALA C 242 8.82 -32.18 12.07
CA ALA C 242 8.05 -33.05 12.94
C ALA C 242 8.14 -32.55 14.38
N SER C 243 9.34 -32.20 14.84
CA SER C 243 9.47 -31.67 16.19
CA SER C 243 9.49 -31.66 16.19
C SER C 243 8.71 -30.35 16.35
N ALA C 244 8.79 -29.50 15.32
CA ALA C 244 8.08 -28.24 15.35
C ALA C 244 6.57 -28.39 15.47
N ILE C 245 6.04 -29.34 14.71
CA ILE C 245 4.63 -29.64 14.74
C ILE C 245 4.26 -30.25 16.09
N LYS C 246 5.03 -31.24 16.56
CA LYS C 246 4.70 -31.91 17.80
C LYS C 246 4.57 -30.89 18.93
N ASN C 247 5.39 -29.84 18.86
CA ASN C 247 5.41 -28.76 19.83
C ASN C 247 4.65 -27.47 19.44
N GLY C 248 3.73 -27.56 18.49
CA GLY C 248 2.86 -26.43 18.14
C GLY C 248 2.01 -25.97 19.30
N TRP C 249 1.57 -24.71 19.26
CA TRP C 249 0.83 -24.14 20.35
C TRP C 249 -0.29 -23.22 19.86
N LYS C 250 -1.28 -23.01 20.72
CA LYS C 250 -2.49 -22.24 20.38
C LYS C 250 -2.26 -20.72 20.52
N MET C 251 -2.31 -20.01 19.39
CA MET C 251 -2.13 -18.56 19.35
C MET C 251 -3.44 -17.82 19.62
N ASN C 252 -4.50 -18.26 18.95
CA ASN C 252 -5.85 -17.76 19.19
C ASN C 252 -6.85 -18.84 18.72
N ASP C 253 -8.12 -18.51 18.65
CA ASP C 253 -9.09 -19.52 18.23
C ASP C 253 -8.95 -19.93 16.79
N PHE C 254 -8.22 -19.13 16.00
CA PHE C 254 -8.12 -19.31 14.57
C PHE C 254 -6.86 -20.04 14.12
N VAL C 255 -5.80 -19.96 14.90
CA VAL C 255 -4.52 -20.43 14.39
C VAL C 255 -3.58 -20.84 15.54
N GLY C 256 -2.70 -21.77 15.26
CA GLY C 256 -1.60 -22.10 16.17
C GLY C 256 -0.36 -22.52 15.40
N PRO C 257 0.77 -21.84 15.63
CA PRO C 257 1.94 -22.10 14.83
C PRO C 257 2.75 -23.31 15.34
N VAL C 258 3.52 -23.90 14.42
CA VAL C 258 4.57 -24.85 14.78
C VAL C 258 5.65 -24.06 15.61
N ASP C 259 6.39 -24.81 16.42
CA ASP C 259 7.50 -24.24 17.24
C ASP C 259 8.80 -24.50 16.46
N HIS C 260 9.20 -23.52 15.67
CA HIS C 260 10.33 -23.64 14.76
C HIS C 260 11.61 -24.15 15.44
N GLY C 261 11.84 -23.74 16.69
CA GLY C 261 13.04 -24.17 17.37
C GLY C 261 12.94 -25.44 18.17
N ALA C 262 11.83 -26.17 18.06
CA ALA C 262 11.64 -27.37 18.86
C ALA C 262 12.66 -28.46 18.60
N TYR C 263 13.11 -28.61 17.35
CA TYR C 263 14.10 -29.64 17.03
C TYR C 263 15.35 -29.54 17.91
N ASN C 264 15.81 -28.32 18.16
CA ASN C 264 17.02 -28.10 18.92
C ASN C 264 16.80 -27.94 20.38
N ARG C 265 15.61 -27.56 20.78
CA ARG C 265 15.48 -27.07 22.14
C ARG C 265 14.75 -28.16 22.94
N ILE C 266 13.94 -28.91 22.20
CA ILE C 266 13.03 -29.81 22.88
C ILE C 266 13.38 -31.22 22.57
N GLU C 267 13.40 -31.70 21.34
CA GLU C 267 13.73 -33.10 21.12
C GLU C 267 13.91 -33.49 19.59
N HIS C 268 14.47 -34.69 19.42
CA HIS C 268 14.73 -35.29 18.11
C HIS C 268 13.78 -36.48 17.83
N ILE C 269 13.13 -36.43 16.68
CA ILE C 269 12.20 -37.48 16.22
C ILE C 269 12.78 -38.24 15.03
N ASP C 270 12.53 -39.54 15.01
CA ASP C 270 13.04 -40.41 13.94
C ASP C 270 12.09 -40.43 12.74
N VAL C 271 12.67 -40.43 11.57
CA VAL C 271 11.94 -40.59 10.35
C VAL C 271 12.13 -41.99 9.78
N GLU C 272 11.00 -42.64 9.46
CA GLU C 272 11.04 -43.96 8.83
C GLU C 272 11.02 -43.78 7.31
N VAL C 273 11.92 -44.48 6.64
CA VAL C 273 12.12 -44.41 5.22
C VAL C 273 11.92 -45.79 4.59
N THR C 274 11.02 -45.88 3.62
CA THR C 274 10.78 -47.15 2.90
C THR C 274 10.77 -46.87 1.41
N GLU C 275 11.28 -47.79 0.61
CA GLU C 275 11.12 -47.72 -0.83
C GLU C 275 9.78 -48.23 -1.24
N VAL C 276 9.15 -47.52 -2.19
CA VAL C 276 7.79 -47.86 -2.59
C VAL C 276 7.60 -47.85 -4.09
N GLY D 1 8.37 4.76 -13.46
CA GLY D 1 8.10 5.82 -14.46
C GLY D 1 6.85 6.63 -14.09
N ALA D 2 6.51 7.58 -14.95
CA ALA D 2 5.40 8.47 -14.71
C ALA D 2 4.06 7.72 -14.58
N LEU D 3 3.12 8.39 -13.92
CA LEU D 3 1.73 7.94 -14.00
C LEU D 3 1.28 7.95 -15.47
N LYS D 4 0.50 6.93 -15.80
CA LYS D 4 -0.10 6.83 -17.11
C LYS D 4 -1.31 7.75 -17.17
N LYS D 5 -1.46 8.41 -18.30
CA LYS D 5 -2.54 9.37 -18.52
C LYS D 5 -3.72 8.68 -19.18
N VAL D 6 -4.85 8.69 -18.48
CA VAL D 6 -5.99 7.96 -18.93
C VAL D 6 -7.18 8.91 -19.07
N LEU D 7 -7.68 9.03 -20.31
CA LEU D 7 -8.78 9.92 -20.62
C LEU D 7 -10.08 9.18 -20.73
N THR D 8 -11.12 9.72 -20.12
CA THR D 8 -12.48 9.31 -20.40
C THR D 8 -13.20 10.36 -21.18
N ILE D 9 -14.02 9.94 -22.13
CA ILE D 9 -14.96 10.76 -22.87
C ILE D 9 -16.33 10.35 -22.40
N ALA D 10 -16.99 11.18 -21.61
CA ALA D 10 -18.16 10.82 -20.90
C ALA D 10 -18.90 12.04 -20.34
N GLY D 11 -20.09 11.83 -19.85
CA GLY D 11 -20.89 12.84 -19.20
C GLY D 11 -20.73 12.85 -17.69
N SER D 12 -21.19 13.91 -17.07
CA SER D 12 -21.22 14.03 -15.65
C SER D 12 -22.50 13.42 -15.09
N ASP D 13 -22.35 12.42 -14.24
CA ASP D 13 -23.44 11.87 -13.44
C ASP D 13 -23.48 12.63 -12.13
N THR D 14 -24.40 13.58 -11.97
CA THR D 14 -24.35 14.42 -10.80
C THR D 14 -24.36 13.61 -9.48
N SER D 15 -25.07 12.48 -9.49
CA SER D 15 -25.12 11.60 -8.32
C SER D 15 -23.78 10.97 -7.96
N ALA D 16 -22.86 10.92 -8.91
CA ALA D 16 -21.44 10.66 -8.75
C ALA D 16 -21.06 9.21 -8.58
N GLY D 17 -21.98 8.32 -9.00
CA GLY D 17 -21.66 6.87 -8.93
C GLY D 17 -21.25 6.27 -10.26
N ALA D 18 -21.74 6.87 -11.33
CA ALA D 18 -21.47 6.46 -12.73
C ALA D 18 -20.83 7.59 -13.49
N GLY D 19 -20.88 7.55 -14.82
CA GLY D 19 -20.37 8.62 -15.61
C GLY D 19 -18.90 8.84 -15.40
N MET D 20 -18.47 10.07 -15.67
CA MET D 20 -17.09 10.47 -15.55
C MET D 20 -16.62 10.38 -14.10
N GLN D 21 -17.54 10.54 -13.16
CA GLN D 21 -17.19 10.45 -11.76
C GLN D 21 -16.67 9.02 -11.42
N ALA D 22 -17.41 8.00 -11.89
CA ALA D 22 -16.92 6.62 -11.66
C ALA D 22 -15.57 6.45 -12.34
N ASP D 23 -15.43 7.00 -13.54
CA ASP D 23 -14.19 6.89 -14.30
C ASP D 23 -12.98 7.48 -13.56
N LEU D 24 -13.11 8.74 -13.18
CA LEU D 24 -12.04 9.39 -12.47
C LEU D 24 -11.71 8.76 -11.14
N LYS D 25 -12.74 8.35 -10.41
CA LYS D 25 -12.53 7.66 -9.16
C LYS D 25 -11.76 6.39 -9.31
N THR D 26 -12.14 5.61 -10.32
CA THR D 26 -11.53 4.32 -10.61
C THR D 26 -10.10 4.48 -11.11
N PHE D 27 -9.88 5.45 -12.00
CA PHE D 27 -8.53 5.76 -12.47
C PHE D 27 -7.63 6.11 -11.29
N GLN D 28 -8.18 6.85 -10.32
CA GLN D 28 -7.39 7.29 -9.17
C GLN D 28 -7.04 6.09 -8.28
N GLU D 29 -8.02 5.21 -8.06
CA GLU D 29 -7.82 4.02 -7.27
C GLU D 29 -6.78 3.10 -7.88
N LEU D 30 -6.61 3.15 -9.20
CA LEU D 30 -5.67 2.30 -9.89
C LEU D 30 -4.39 3.00 -10.31
N ASP D 31 -4.10 4.09 -9.61
CA ASP D 31 -2.80 4.72 -9.69
C ASP D 31 -2.44 5.17 -11.11
N THR D 32 -3.45 5.79 -11.77
CA THR D 32 -3.26 6.44 -13.05
C THR D 32 -3.67 7.92 -12.89
N TYR D 33 -3.34 8.69 -13.90
CA TYR D 33 -3.66 10.12 -13.98
C TYR D 33 -4.94 10.31 -14.81
N GLY D 34 -6.07 10.45 -14.13
CA GLY D 34 -7.33 10.55 -14.78
C GLY D 34 -7.65 11.89 -15.37
N MET D 35 -8.25 11.85 -16.56
CA MET D 35 -8.68 13.05 -17.28
C MET D 35 -10.06 12.81 -17.87
N VAL D 36 -10.77 13.89 -18.10
CA VAL D 36 -12.10 13.79 -18.68
C VAL D 36 -12.32 14.88 -19.75
N ALA D 37 -12.94 14.48 -20.86
CA ALA D 37 -13.59 15.41 -21.77
C ALA D 37 -15.09 15.23 -21.64
N LEU D 38 -15.75 16.21 -21.05
CA LEU D 38 -17.17 16.16 -20.69
C LEU D 38 -18.09 16.39 -21.90
N THR D 39 -19.09 15.52 -22.04
CA THR D 39 -20.03 15.59 -23.15
C THR D 39 -21.39 16.21 -22.77
N ALA D 40 -21.78 16.10 -21.51
CA ALA D 40 -23.12 16.37 -21.05
C ALA D 40 -23.17 16.35 -19.54
N ILE D 41 -24.22 16.88 -18.95
CA ILE D 41 -24.43 16.88 -17.53
C ILE D 41 -25.80 16.23 -17.25
N VAL D 42 -25.81 15.18 -16.46
CA VAL D 42 -27.00 14.48 -16.08
C VAL D 42 -27.38 14.82 -14.67
N THR D 43 -28.60 15.27 -14.47
CA THR D 43 -29.13 15.60 -13.17
C THR D 43 -30.40 14.81 -12.91
N MET D 44 -30.85 14.78 -11.64
CA MET D 44 -31.93 13.93 -11.19
C MET D 44 -32.91 14.71 -10.35
N ASP D 45 -34.20 14.52 -10.62
CA ASP D 45 -35.25 15.17 -9.84
C ASP D 45 -35.27 14.71 -8.40
N LYS D 46 -35.30 15.67 -7.46
CA LYS D 46 -35.26 15.32 -6.04
C LYS D 46 -36.38 14.37 -5.54
N ASP D 47 -37.53 14.37 -6.21
CA ASP D 47 -38.68 13.60 -5.78
C ASP D 47 -38.84 12.24 -6.50
N THR D 48 -38.51 12.17 -7.78
CA THR D 48 -38.71 10.96 -8.60
C THR D 48 -37.40 10.31 -9.08
N TRP D 49 -36.32 11.07 -9.01
CA TRP D 49 -35.00 10.65 -9.54
C TRP D 49 -35.00 10.55 -11.03
N SER D 50 -36.03 11.10 -11.68
CA SER D 50 -36.08 11.16 -13.15
C SER D 50 -34.86 11.94 -13.66
N HIS D 51 -34.19 11.42 -14.69
CA HIS D 51 -33.01 12.02 -15.25
C HIS D 51 -33.32 13.13 -16.22
N ASP D 52 -32.45 14.11 -16.24
CA ASP D 52 -32.46 15.22 -17.22
C ASP D 52 -31.06 15.30 -17.75
N VAL D 53 -30.91 15.14 -19.05
CA VAL D 53 -29.64 15.19 -19.74
C VAL D 53 -29.50 16.55 -20.40
N THR D 54 -28.49 17.33 -20.01
CA THR D 54 -28.20 18.60 -20.61
C THR D 54 -26.92 18.48 -21.42
N PRO D 55 -27.02 18.54 -22.76
CA PRO D 55 -25.80 18.44 -23.53
C PRO D 55 -24.89 19.67 -23.32
N LEU D 56 -23.57 19.46 -23.38
CA LEU D 56 -22.67 20.58 -23.50
C LEU D 56 -22.53 20.98 -24.95
N PRO D 57 -22.31 22.27 -25.20
CA PRO D 57 -22.13 22.72 -26.58
C PRO D 57 -20.97 22.00 -27.25
N MET D 58 -21.12 21.72 -28.53
CA MET D 58 -20.03 21.10 -29.32
CA MET D 58 -20.02 21.09 -29.26
C MET D 58 -18.70 21.88 -29.25
N ASP D 59 -18.77 23.21 -29.18
CA ASP D 59 -17.56 24.05 -29.16
CA ASP D 59 -17.57 24.04 -29.16
C ASP D 59 -16.75 23.71 -27.92
N VAL D 60 -17.43 23.55 -26.80
CA VAL D 60 -16.70 23.27 -25.55
C VAL D 60 -16.24 21.82 -25.51
N PHE D 61 -17.02 20.90 -26.08
CA PHE D 61 -16.54 19.52 -26.24
C PHE D 61 -15.27 19.44 -27.05
N GLU D 62 -15.25 20.13 -28.19
CA GLU D 62 -14.06 20.16 -29.01
C GLU D 62 -12.85 20.78 -28.32
N LYS D 63 -13.05 21.91 -27.62
CA LYS D 63 -11.94 22.57 -26.92
C LYS D 63 -11.34 21.66 -25.84
N GLN D 64 -12.20 20.89 -25.18
CA GLN D 64 -11.70 19.92 -24.19
C GLN D 64 -10.90 18.84 -24.85
N LEU D 65 -11.40 18.34 -26.02
CA LEU D 65 -10.63 17.32 -26.75
C LEU D 65 -9.29 17.84 -27.21
N GLU D 66 -9.25 19.11 -27.62
CA GLU D 66 -7.99 19.69 -28.06
C GLU D 66 -6.95 19.67 -26.91
N THR D 67 -7.39 20.07 -25.72
CA THR D 67 -6.51 20.09 -24.58
C THR D 67 -6.01 18.68 -24.21
N ALA D 68 -6.96 17.74 -24.17
CA ALA D 68 -6.62 16.35 -23.81
C ALA D 68 -5.68 15.74 -24.86
N LEU D 69 -5.91 15.99 -26.16
CA LEU D 69 -5.05 15.42 -27.19
C LEU D 69 -3.67 16.00 -27.08
N SER D 70 -3.58 17.30 -26.77
CA SER D 70 -2.32 17.94 -26.63
C SER D 70 -1.51 17.31 -25.49
N ILE D 71 -2.16 17.06 -24.36
CA ILE D 71 -1.53 16.42 -23.20
C ILE D 71 -1.03 15.00 -23.54
N GLY D 72 -1.82 14.29 -24.33
CA GLY D 72 -1.36 13.02 -24.91
C GLY D 72 -1.74 11.84 -24.01
N PRO D 73 -2.96 11.33 -24.11
CA PRO D 73 -3.33 10.20 -23.25
C PRO D 73 -2.61 8.91 -23.66
N ASP D 74 -2.34 8.08 -22.70
CA ASP D 74 -1.78 6.74 -22.91
C ASP D 74 -2.92 5.74 -23.20
N ALA D 75 -4.12 6.04 -22.74
CA ALA D 75 -5.29 5.18 -22.93
C ALA D 75 -6.52 6.09 -22.91
N ILE D 76 -7.54 5.69 -23.65
CA ILE D 76 -8.80 6.36 -23.74
C ILE D 76 -9.93 5.39 -23.55
N LYS D 77 -10.89 5.77 -22.73
CA LYS D 77 -12.16 5.12 -22.54
C LYS D 77 -13.30 5.96 -23.07
N THR D 78 -14.29 5.36 -23.71
CA THR D 78 -15.57 6.03 -23.99
C THR D 78 -16.64 5.49 -23.09
N GLY D 79 -17.38 6.41 -22.48
CA GLY D 79 -18.59 6.10 -21.79
C GLY D 79 -19.80 6.31 -22.65
N MET D 80 -20.95 6.52 -22.03
CA MET D 80 -22.14 6.78 -22.82
C MET D 80 -21.99 8.06 -23.61
N LEU D 81 -22.15 7.92 -24.92
CA LEU D 81 -22.02 9.00 -25.88
C LEU D 81 -23.43 9.08 -26.55
N GLY D 82 -23.94 10.29 -26.62
CA GLY D 82 -25.33 10.52 -26.94
C GLY D 82 -25.68 10.78 -28.36
N THR D 83 -24.70 11.10 -29.19
CA THR D 83 -24.94 11.50 -30.57
C THR D 83 -23.94 10.87 -31.53
N GLU D 84 -24.38 10.72 -32.78
CA GLU D 84 -23.52 10.25 -33.83
C GLU D 84 -22.26 11.12 -33.97
N GLU D 85 -22.47 12.43 -33.81
CA GLU D 85 -21.39 13.38 -33.95
C GLU D 85 -20.25 13.13 -32.91
N ILE D 86 -20.63 12.95 -31.65
CA ILE D 86 -19.67 12.66 -30.57
C ILE D 86 -19.03 11.28 -30.69
N ILE D 87 -19.85 10.29 -31.13
CA ILE D 87 -19.30 8.97 -31.37
C ILE D 87 -18.15 9.04 -32.42
N LYS D 88 -18.42 9.73 -33.52
CA LYS D 88 -17.44 9.83 -34.55
C LYS D 88 -16.17 10.56 -34.08
N ARG D 89 -16.39 11.69 -33.37
CA ARG D 89 -15.26 12.44 -32.82
C ARG D 89 -14.41 11.65 -31.82
N ALA D 90 -15.06 10.84 -31.01
CA ALA D 90 -14.32 10.04 -30.02
C ALA D 90 -13.37 9.06 -30.71
N GLY D 91 -13.87 8.43 -31.77
CA GLY D 91 -12.99 7.56 -32.49
C GLY D 91 -11.81 8.30 -33.14
N GLU D 92 -12.14 9.50 -33.65
CA GLU D 92 -11.09 10.33 -34.27
C GLU D 92 -10.00 10.82 -33.31
N VAL D 93 -10.39 11.16 -32.08
N VAL D 93 -10.40 11.18 -32.10
CA VAL D 93 -9.37 11.63 -31.12
CA VAL D 93 -9.40 11.63 -31.14
C VAL D 93 -8.46 10.47 -30.78
C VAL D 93 -8.51 10.48 -30.67
N TYR D 94 -9.03 9.26 -30.63
CA TYR D 94 -8.17 8.13 -30.35
C TYR D 94 -7.13 7.94 -31.48
N GLU D 95 -7.63 7.94 -32.70
CA GLU D 95 -6.79 7.74 -33.87
C GLU D 95 -5.73 8.84 -34.02
N ALA D 96 -6.07 10.07 -33.64
CA ALA D 96 -5.11 11.21 -33.70
C ALA D 96 -4.05 11.17 -32.59
N SER D 97 -4.42 10.56 -31.49
CA SER D 97 -3.54 10.47 -30.33
C SER D 97 -2.48 9.38 -30.56
N ASN D 98 -1.56 9.32 -29.61
CA ASN D 98 -0.58 8.20 -29.56
C ASN D 98 -0.99 7.20 -28.50
N ALA D 99 -2.25 7.21 -28.11
CA ALA D 99 -2.67 6.19 -27.20
C ALA D 99 -2.60 4.80 -27.78
N GLN D 100 -2.20 3.82 -26.97
CA GLN D 100 -2.11 2.42 -27.40
C GLN D 100 -3.36 1.61 -27.10
N TYR D 101 -4.24 2.15 -26.25
CA TYR D 101 -5.41 1.45 -25.78
C TYR D 101 -6.67 2.29 -25.92
N PHE D 102 -7.73 1.69 -26.45
CA PHE D 102 -9.04 2.28 -26.62
C PHE D 102 -10.06 1.30 -26.08
N VAL D 103 -10.74 1.64 -25.01
CA VAL D 103 -11.76 0.86 -24.37
C VAL D 103 -13.07 1.53 -24.65
N VAL D 104 -13.98 0.82 -25.32
CA VAL D 104 -15.28 1.32 -25.68
C VAL D 104 -16.33 0.63 -24.86
N ASP D 105 -17.06 1.37 -24.05
CA ASP D 105 -18.20 0.88 -23.32
C ASP D 105 -19.41 1.32 -24.13
N PRO D 106 -20.02 0.40 -24.88
CA PRO D 106 -21.00 0.76 -25.91
C PRO D 106 -22.39 1.01 -25.34
N VAL D 107 -22.48 2.00 -24.47
CA VAL D 107 -23.69 2.16 -23.70
C VAL D 107 -24.88 2.53 -24.59
N MET D 108 -25.97 1.79 -24.42
CA MET D 108 -27.27 2.02 -25.11
C MET D 108 -28.38 2.21 -24.07
N VAL D 109 -29.35 3.02 -24.43
CA VAL D 109 -30.52 3.25 -23.56
C VAL D 109 -31.70 2.42 -24.10
N CYS D 110 -32.51 1.87 -23.20
CA CYS D 110 -33.61 1.00 -23.62
C CYS D 110 -34.96 1.73 -23.58
N LYS D 111 -35.85 1.39 -24.52
CA LYS D 111 -37.27 1.82 -24.52
C LYS D 111 -38.18 0.76 -23.86
N GLY D 112 -37.76 -0.51 -23.87
CA GLY D 112 -38.36 -1.56 -23.05
C GLY D 112 -37.26 -2.16 -22.20
N GLU D 113 -37.08 -3.49 -22.29
CA GLU D 113 -35.78 -4.14 -22.06
C GLU D 113 -35.31 -4.94 -23.32
N ASP D 114 -36.21 -5.14 -24.31
CA ASP D 114 -35.84 -5.75 -25.62
C ASP D 114 -35.85 -4.75 -26.79
N GLU D 115 -36.04 -3.46 -26.50
CA GLU D 115 -36.14 -2.43 -27.56
C GLU D 115 -35.16 -1.29 -27.30
N VAL D 116 -34.33 -1.00 -28.30
CA VAL D 116 -33.34 0.08 -28.17
C VAL D 116 -34.06 1.41 -28.36
N LEU D 117 -33.63 2.42 -27.61
CA LEU D 117 -33.94 3.80 -27.90
C LEU D 117 -32.76 4.34 -28.70
N ASN D 118 -33.03 5.01 -29.83
CA ASN D 118 -31.97 5.63 -30.65
C ASN D 118 -31.00 4.62 -31.36
N PRO D 119 -31.55 3.82 -32.31
CA PRO D 119 -30.76 2.81 -33.10
C PRO D 119 -29.63 3.37 -33.97
N GLY D 120 -29.74 4.65 -34.30
CA GLY D 120 -28.68 5.32 -34.99
C GLY D 120 -27.36 5.32 -34.22
N ASN D 121 -27.40 5.38 -32.89
CA ASN D 121 -26.14 5.42 -32.14
C ASN D 121 -25.44 4.05 -32.26
N THR D 122 -26.23 3.01 -32.34
CA THR D 122 -25.68 1.66 -32.47
C THR D 122 -24.93 1.54 -33.79
N GLU D 123 -25.53 2.05 -34.87
CA GLU D 123 -24.88 1.97 -36.16
C GLU D 123 -23.57 2.79 -36.16
N ALA D 124 -23.61 3.96 -35.50
CA ALA D 124 -22.42 4.78 -35.41
C ALA D 124 -21.30 4.11 -34.60
N MET D 125 -21.65 3.41 -33.53
CA MET D 125 -20.60 2.71 -32.76
C MET D 125 -19.97 1.59 -33.58
N ILE D 126 -20.80 0.89 -34.34
CA ILE D 126 -20.29 -0.17 -35.20
C ILE D 126 -19.35 0.39 -36.27
N LYS D 127 -19.78 1.53 -36.84
CA LYS D 127 -19.06 2.11 -37.94
C LYS D 127 -17.73 2.76 -37.46
N TYR D 128 -17.79 3.50 -36.35
CA TYR D 128 -16.65 4.34 -35.95
C TYR D 128 -15.81 3.81 -34.76
N LEU D 129 -16.45 3.07 -33.83
CA LEU D 129 -15.71 2.68 -32.60
C LEU D 129 -15.24 1.21 -32.59
N LEU D 130 -16.10 0.29 -33.04
CA LEU D 130 -15.68 -1.11 -32.98
C LEU D 130 -14.40 -1.37 -33.72
N PRO D 131 -14.25 -0.82 -34.94
CA PRO D 131 -13.02 -1.15 -35.67
C PRO D 131 -11.73 -0.59 -35.05
N LYS D 132 -11.89 0.34 -34.11
CA LYS D 132 -10.78 0.94 -33.36
C LYS D 132 -10.51 0.36 -31.97
N ALA D 133 -11.52 -0.34 -31.43
CA ALA D 133 -11.48 -0.74 -30.03
C ALA D 133 -10.43 -1.79 -29.70
N THR D 134 -9.63 -1.54 -28.68
CA THR D 134 -8.79 -2.58 -28.06
C THR D 134 -9.68 -3.58 -27.35
N VAL D 135 -10.60 -3.07 -26.56
CA VAL D 135 -11.59 -3.87 -25.83
C VAL D 135 -12.93 -3.17 -25.97
N VAL D 136 -13.98 -3.90 -26.31
CA VAL D 136 -15.34 -3.41 -26.24
C VAL D 136 -16.09 -4.18 -25.17
N THR D 137 -16.89 -3.50 -24.35
CA THR D 137 -17.46 -4.03 -23.12
C THR D 137 -19.00 -3.95 -23.07
N PRO D 138 -19.69 -4.57 -24.05
CA PRO D 138 -21.14 -4.53 -23.98
C PRO D 138 -21.75 -5.33 -22.84
N ASN D 139 -22.86 -4.85 -22.27
CA ASN D 139 -23.75 -5.67 -21.46
C ASN D 139 -24.57 -6.59 -22.39
N LEU D 140 -25.41 -7.41 -21.79
CA LEU D 140 -26.03 -8.44 -22.56
C LEU D 140 -26.95 -7.87 -23.67
N PHE D 141 -27.68 -6.81 -23.31
CA PHE D 141 -28.51 -6.12 -24.30
C PHE D 141 -27.69 -5.54 -25.43
N GLU D 142 -26.67 -4.77 -25.04
CA GLU D 142 -25.82 -4.13 -26.02
C GLU D 142 -25.14 -5.15 -26.96
N ALA D 143 -24.77 -6.30 -26.42
CA ALA D 143 -24.14 -7.30 -27.23
C ALA D 143 -25.07 -7.86 -28.29
N GLY D 144 -26.32 -8.04 -27.90
CA GLY D 144 -27.34 -8.48 -28.85
C GLY D 144 -27.59 -7.45 -29.94
N GLN D 145 -27.45 -6.16 -29.62
CA GLN D 145 -27.64 -5.09 -30.61
C GLN D 145 -26.46 -4.99 -31.53
N LEU D 146 -25.24 -5.00 -30.97
CA LEU D 146 -24.06 -4.92 -31.79
C LEU D 146 -23.89 -6.12 -32.75
N SER D 147 -24.30 -7.29 -32.29
CA SER D 147 -24.15 -8.51 -33.04
C SER D 147 -25.29 -8.74 -34.01
N GLY D 148 -26.43 -8.10 -33.76
CA GLY D 148 -27.61 -8.38 -34.56
C GLY D 148 -28.37 -9.61 -34.19
N LEU D 149 -27.96 -10.28 -33.09
CA LEU D 149 -28.64 -11.50 -32.63
C LEU D 149 -29.90 -11.22 -31.83
N GLY D 150 -30.03 -10.03 -31.27
CA GLY D 150 -31.12 -9.76 -30.35
C GLY D 150 -30.88 -10.40 -29.01
N LYS D 151 -31.91 -10.90 -28.35
CA LYS D 151 -31.81 -11.34 -26.96
C LYS D 151 -30.81 -12.49 -26.83
N LEU D 152 -29.87 -12.32 -25.90
CA LEU D 152 -28.96 -13.37 -25.52
C LEU D 152 -29.30 -13.85 -24.10
N ASN D 153 -29.20 -15.16 -23.87
CA ASN D 153 -29.73 -15.76 -22.64
C ASN D 153 -28.81 -16.82 -22.03
N SER D 154 -27.66 -17.04 -22.64
CA SER D 154 -26.77 -18.13 -22.28
C SER D 154 -25.34 -17.81 -22.64
N ILE D 155 -24.38 -18.52 -22.06
CA ILE D 155 -23.01 -18.46 -22.45
C ILE D 155 -22.84 -18.77 -23.93
N GLU D 156 -23.54 -19.77 -24.44
CA GLU D 156 -23.46 -20.14 -25.85
C GLU D 156 -23.91 -18.94 -26.74
N ASP D 157 -24.98 -18.25 -26.36
CA ASP D 157 -25.42 -17.04 -27.09
C ASP D 157 -24.35 -15.95 -27.03
N MET D 158 -23.72 -15.81 -25.86
CA MET D 158 -22.68 -14.82 -25.69
C MET D 158 -21.48 -15.15 -26.55
N LYS D 159 -21.14 -16.44 -26.69
CA LYS D 159 -20.02 -16.84 -27.56
C LYS D 159 -20.31 -16.39 -29.00
N LYS D 160 -21.53 -16.64 -29.46
CA LYS D 160 -21.91 -16.26 -30.84
C LYS D 160 -21.83 -14.74 -30.99
N ALA D 161 -22.35 -13.99 -30.04
CA ALA D 161 -22.28 -12.53 -30.10
C ALA D 161 -20.86 -12.04 -30.11
N ALA D 162 -19.99 -12.63 -29.29
CA ALA D 162 -18.59 -12.21 -29.23
C ALA D 162 -17.89 -12.44 -30.52
N THR D 163 -18.17 -13.60 -31.16
CA THR D 163 -17.59 -13.92 -32.43
C THR D 163 -17.94 -12.82 -33.46
N ILE D 164 -19.21 -12.46 -33.48
CA ILE D 164 -19.72 -11.51 -34.45
C ILE D 164 -19.11 -10.12 -34.25
N ILE D 165 -19.03 -9.74 -32.99
CA ILE D 165 -18.49 -8.42 -32.65
C ILE D 165 -17.00 -8.35 -32.94
N PHE D 166 -16.24 -9.38 -32.64
CA PHE D 166 -14.86 -9.49 -33.04
C PHE D 166 -14.72 -9.33 -34.55
N ASP D 167 -15.58 -10.00 -35.30
CA ASP D 167 -15.54 -9.93 -36.76
C ASP D 167 -15.86 -8.52 -37.30
N LYS D 168 -16.56 -7.74 -36.49
CA LYS D 168 -16.88 -6.34 -36.82
C LYS D 168 -15.76 -5.37 -36.48
N GLY D 169 -14.66 -5.89 -35.96
CA GLY D 169 -13.35 -5.24 -35.83
C GLY D 169 -12.78 -4.99 -34.47
N ALA D 170 -13.53 -5.33 -33.40
CA ALA D 170 -13.01 -5.16 -32.04
C ALA D 170 -11.95 -6.21 -31.77
N GLN D 171 -10.82 -5.81 -31.22
CA GLN D 171 -9.70 -6.74 -31.03
C GLN D 171 -9.95 -7.78 -29.93
N HIS D 172 -10.64 -7.34 -28.88
CA HIS D 172 -11.01 -8.10 -27.73
C HIS D 172 -12.42 -7.71 -27.35
N VAL D 173 -13.22 -8.68 -26.92
CA VAL D 173 -14.59 -8.52 -26.59
C VAL D 173 -14.85 -9.08 -25.21
N ILE D 174 -15.50 -8.32 -24.32
CA ILE D 174 -16.00 -8.87 -23.10
C ILE D 174 -17.49 -8.59 -23.08
N ILE D 175 -18.30 -9.67 -23.10
CA ILE D 175 -19.72 -9.61 -22.97
C ILE D 175 -20.11 -9.86 -21.54
N LYS D 176 -20.64 -8.83 -20.88
CA LYS D 176 -20.99 -8.97 -19.48
C LYS D 176 -22.31 -9.73 -19.37
N GLY D 177 -22.35 -10.73 -18.49
CA GLY D 177 -23.59 -11.41 -18.13
C GLY D 177 -24.21 -10.73 -16.94
N GLY D 178 -23.54 -10.84 -15.80
CA GLY D 178 -23.97 -10.07 -14.64
C GLY D 178 -25.41 -10.31 -14.28
N LYS D 179 -26.13 -9.23 -13.91
CA LYS D 179 -27.55 -9.29 -13.53
C LYS D 179 -28.42 -9.73 -14.63
N ALA D 180 -28.13 -9.29 -15.84
CA ALA D 180 -28.99 -9.55 -16.97
C ALA D 180 -29.02 -11.02 -17.28
N LEU D 181 -27.92 -11.71 -17.09
CA LEU D 181 -27.85 -13.18 -17.34
C LEU D 181 -28.63 -13.97 -16.29
N ASP D 182 -28.73 -13.44 -15.07
CA ASP D 182 -29.61 -13.91 -14.01
C ASP D 182 -29.36 -15.36 -13.67
N GLN D 183 -28.12 -15.63 -13.28
CA GLN D 183 -27.72 -16.95 -12.82
C GLN D 183 -27.28 -16.90 -11.36
N ASP D 184 -26.86 -18.06 -10.83
CA ASP D 184 -26.45 -18.17 -9.44
C ASP D 184 -25.18 -17.38 -9.15
N LYS D 185 -24.33 -17.25 -10.16
CA LYS D 185 -23.09 -16.53 -10.09
C LYS D 185 -23.08 -15.46 -11.16
N SER D 186 -22.12 -14.57 -11.05
CA SER D 186 -21.96 -13.50 -12.03
C SER D 186 -20.95 -13.90 -13.10
N TYR D 187 -21.44 -14.18 -14.30
CA TYR D 187 -20.59 -14.62 -15.41
C TYR D 187 -20.43 -13.50 -16.45
N ASP D 188 -19.21 -13.36 -16.94
CA ASP D 188 -18.89 -12.60 -18.12
C ASP D 188 -18.13 -13.50 -19.10
N LEU D 189 -18.09 -13.14 -20.36
CA LEU D 189 -17.42 -13.91 -21.38
CA LEU D 189 -17.37 -13.89 -21.33
C LEU D 189 -16.41 -13.04 -22.14
N TYR D 190 -15.16 -13.39 -22.09
CA TYR D 190 -14.07 -12.71 -22.77
C TYR D 190 -13.64 -13.51 -23.98
N TYR D 191 -13.40 -12.84 -25.10
CA TYR D 191 -12.93 -13.43 -26.33
C TYR D 191 -11.83 -12.62 -26.99
N ASP D 192 -10.80 -13.30 -27.49
CA ASP D 192 -9.69 -12.64 -28.14
C ASP D 192 -9.56 -13.03 -29.63
N GLY D 193 -10.58 -13.64 -30.20
CA GLY D 193 -10.50 -14.11 -31.55
C GLY D 193 -10.08 -15.55 -31.66
N GLN D 194 -9.56 -16.15 -30.60
CA GLN D 194 -9.12 -17.55 -30.61
C GLN D 194 -9.73 -18.41 -29.50
N THR D 195 -9.79 -17.88 -28.29
CA THR D 195 -10.24 -18.60 -27.10
C THR D 195 -11.30 -17.82 -26.36
N PHE D 196 -12.30 -18.52 -25.88
CA PHE D 196 -13.36 -18.00 -25.04
C PHE D 196 -13.08 -18.33 -23.61
N TYR D 197 -13.07 -17.30 -22.78
CA TYR D 197 -12.89 -17.44 -21.37
C TYR D 197 -14.13 -16.97 -20.64
N GLN D 198 -14.67 -17.82 -19.76
CA GLN D 198 -15.73 -17.46 -18.87
C GLN D 198 -15.11 -16.99 -17.57
N LEU D 199 -15.51 -15.79 -17.15
CA LEU D 199 -15.05 -15.21 -15.89
C LEU D 199 -16.18 -15.24 -14.93
N THR D 200 -15.93 -15.67 -13.71
CA THR D 200 -16.97 -15.85 -12.72
C THR D 200 -16.57 -15.24 -11.38
N THR D 201 -17.54 -14.54 -10.76
CA THR D 201 -17.53 -14.28 -9.32
C THR D 201 -18.88 -14.65 -8.71
N ASP D 202 -18.97 -14.58 -7.39
CA ASP D 202 -20.23 -14.58 -6.71
C ASP D 202 -21.16 -13.52 -7.26
N MET D 203 -22.46 -13.71 -7.14
CA MET D 203 -23.44 -12.69 -7.47
C MET D 203 -23.82 -12.03 -6.18
N PHE D 204 -23.46 -10.74 -6.04
CA PHE D 204 -23.72 -9.98 -4.84
C PHE D 204 -25.08 -9.27 -4.94
N GLN D 205 -25.45 -8.58 -3.86
CA GLN D 205 -26.64 -7.81 -3.86
C GLN D 205 -26.80 -6.97 -5.14
N GLN D 206 -28.03 -6.87 -5.60
CA GLN D 206 -28.32 -6.22 -6.86
C GLN D 206 -28.95 -4.83 -6.72
N SER D 207 -29.33 -4.45 -5.51
CA SER D 207 -30.09 -3.18 -5.30
C SER D 207 -29.24 -1.94 -5.56
N TYR D 208 -27.98 -1.98 -5.11
CA TYR D 208 -27.09 -0.82 -5.14
C TYR D 208 -25.91 -1.14 -6.02
N ASN D 209 -26.14 -1.04 -7.35
CA ASN D 209 -25.13 -1.39 -8.33
C ASN D 209 -24.93 -0.25 -9.34
N HIS D 210 -25.36 0.96 -8.98
CA HIS D 210 -25.20 2.07 -9.90
C HIS D 210 -23.76 2.39 -10.13
N GLY D 211 -23.36 2.46 -11.41
CA GLY D 211 -21.99 2.65 -11.80
C GLY D 211 -21.13 1.44 -12.03
N ALA D 212 -21.75 0.25 -11.90
CA ALA D 212 -20.94 -0.96 -12.08
C ALA D 212 -20.33 -1.07 -13.49
N GLY D 213 -21.15 -0.78 -14.50
CA GLY D 213 -20.65 -0.88 -15.85
C GLY D 213 -19.55 0.11 -16.17
N CYS D 214 -19.79 1.36 -15.76
CA CYS D 214 -18.76 2.37 -15.98
C CYS D 214 -17.41 2.02 -15.30
N THR D 215 -17.57 1.56 -14.07
CA THR D 215 -16.41 1.21 -13.26
C THR D 215 -15.64 0.02 -13.86
N PHE D 216 -16.37 -1.01 -14.30
CA PHE D 216 -15.70 -2.11 -15.01
C PHE D 216 -14.85 -1.67 -16.21
N ALA D 217 -15.46 -0.85 -17.06
CA ALA D 217 -14.75 -0.35 -18.23
C ALA D 217 -13.60 0.60 -17.87
N ALA D 218 -13.81 1.43 -16.85
CA ALA D 218 -12.73 2.29 -16.38
C ALA D 218 -11.56 1.48 -15.83
N ALA D 219 -11.87 0.46 -15.04
CA ALA D 219 -10.83 -0.37 -14.48
C ALA D 219 -10.05 -1.09 -15.59
N THR D 220 -10.79 -1.66 -16.57
CA THR D 220 -10.14 -2.28 -17.70
C THR D 220 -9.11 -1.36 -18.34
N THR D 221 -9.55 -0.10 -18.54
CA THR D 221 -8.67 0.86 -19.20
C THR D 221 -7.41 1.14 -18.37
N ALA D 222 -7.57 1.37 -17.07
CA ALA D 222 -6.39 1.62 -16.23
C ALA D 222 -5.46 0.42 -16.14
N TYR D 223 -6.04 -0.78 -16.07
CA TYR D 223 -5.21 -1.98 -16.00
C TYR D 223 -4.43 -2.17 -17.29
N LEU D 224 -5.04 -1.91 -18.44
CA LEU D 224 -4.32 -1.89 -19.70
C LEU D 224 -3.19 -0.87 -19.72
N ALA D 225 -3.52 0.33 -19.30
CA ALA D 225 -2.51 1.41 -19.31
C ALA D 225 -1.29 1.04 -18.46
N ASN D 226 -1.53 0.38 -17.33
CA ASN D 226 -0.47 -0.02 -16.43
C ASN D 226 0.25 -1.30 -16.78
N GLY D 227 -0.10 -1.88 -17.91
CA GLY D 227 0.70 -2.97 -18.50
C GLY D 227 0.14 -4.38 -18.48
N LYS D 228 -1.10 -4.56 -18.05
CA LYS D 228 -1.78 -5.86 -18.16
C LYS D 228 -2.25 -6.12 -19.58
N SER D 229 -2.18 -7.40 -20.02
CA SER D 229 -2.78 -7.79 -21.28
C SER D 229 -4.30 -7.60 -21.23
N PRO D 230 -4.98 -7.59 -22.39
CA PRO D 230 -6.44 -7.46 -22.31
C PRO D 230 -7.12 -8.51 -21.42
N LYS D 231 -6.69 -9.75 -21.56
CA LYS D 231 -7.21 -10.82 -20.73
C LYS D 231 -7.00 -10.52 -19.23
N GLU D 232 -5.77 -10.23 -18.84
CA GLU D 232 -5.48 -9.92 -17.43
C GLU D 232 -6.23 -8.68 -16.95
N ALA D 233 -6.37 -7.72 -17.86
CA ALA D 233 -7.05 -6.45 -17.49
C ALA D 233 -8.54 -6.68 -17.19
N VAL D 234 -9.23 -7.51 -18.00
CA VAL D 234 -10.63 -7.78 -17.74
C VAL D 234 -10.85 -8.67 -16.52
N ILE D 235 -9.93 -9.59 -16.28
CA ILE D 235 -10.00 -10.39 -15.07
C ILE D 235 -9.83 -9.52 -13.84
N SER D 236 -8.81 -8.67 -13.86
CA SER D 236 -8.59 -7.73 -12.78
C SER D 236 -9.74 -6.73 -12.62
N ALA D 237 -10.28 -6.24 -13.71
CA ALA D 237 -11.41 -5.37 -13.64
C ALA D 237 -12.63 -5.99 -13.02
N LYS D 238 -12.86 -7.26 -13.37
CA LYS D 238 -14.00 -7.93 -12.75
C LYS D 238 -13.84 -8.06 -11.23
N ALA D 239 -12.66 -8.41 -10.76
CA ALA D 239 -12.40 -8.43 -9.30
C ALA D 239 -12.65 -7.07 -8.64
N PHE D 240 -12.19 -6.02 -9.35
CA PHE D 240 -12.26 -4.67 -8.84
C PHE D 240 -13.69 -4.22 -8.69
N VAL D 241 -14.48 -4.42 -9.76
CA VAL D 241 -15.87 -4.03 -9.75
C VAL D 241 -16.70 -4.90 -8.82
N ALA D 242 -16.33 -6.20 -8.73
CA ALA D 242 -17.09 -7.07 -7.85
C ALA D 242 -17.02 -6.59 -6.40
N SER D 243 -15.82 -6.17 -5.97
CA SER D 243 -15.71 -5.62 -4.64
C SER D 243 -16.54 -4.36 -4.46
N ALA D 244 -16.49 -3.49 -5.46
CA ALA D 244 -17.30 -2.26 -5.46
C ALA D 244 -18.78 -2.54 -5.33
N ILE D 245 -19.24 -3.57 -6.08
CA ILE D 245 -20.63 -3.99 -6.02
C ILE D 245 -21.05 -4.59 -4.65
N LYS D 246 -20.22 -5.54 -4.18
CA LYS D 246 -20.49 -6.16 -2.89
C LYS D 246 -20.72 -5.06 -1.82
N ASN D 247 -19.92 -3.98 -1.92
CA ASN D 247 -19.92 -2.89 -0.98
C ASN D 247 -20.72 -1.68 -1.39
N GLY D 248 -21.65 -1.85 -2.33
CA GLY D 248 -22.57 -0.80 -2.68
C GLY D 248 -23.40 -0.36 -1.53
N TRP D 249 -23.96 0.85 -1.60
CA TRP D 249 -24.72 1.40 -0.50
C TRP D 249 -25.93 2.23 -0.97
N LYS D 250 -26.94 2.38 -0.11
CA LYS D 250 -28.16 3.01 -0.37
C LYS D 250 -28.04 4.53 -0.34
N MET D 251 -28.22 5.17 -1.49
CA MET D 251 -28.23 6.66 -1.55
C MET D 251 -29.61 7.27 -1.27
N ASN D 252 -30.64 6.63 -1.80
CA ASN D 252 -32.00 7.03 -1.55
C ASN D 252 -32.87 5.86 -2.00
N ASP D 253 -34.19 6.03 -2.11
CA ASP D 253 -35.08 4.93 -2.45
C ASP D 253 -35.03 4.59 -3.92
N PHE D 254 -34.20 5.29 -4.68
CA PHE D 254 -34.12 5.17 -6.15
C PHE D 254 -32.77 4.69 -6.71
N VAL D 255 -31.72 4.75 -5.90
CA VAL D 255 -30.41 4.47 -6.41
C VAL D 255 -29.48 4.13 -5.27
N GLY D 256 -28.47 3.36 -5.57
CA GLY D 256 -27.32 3.26 -4.71
C GLY D 256 -26.11 2.89 -5.47
N PRO D 257 -25.01 3.61 -5.29
CA PRO D 257 -23.82 3.39 -6.06
C PRO D 257 -22.94 2.24 -5.56
N VAL D 258 -22.12 1.72 -6.47
CA VAL D 258 -21.02 0.87 -6.07
C VAL D 258 -20.00 1.69 -5.28
N ASP D 259 -19.18 1.04 -4.46
CA ASP D 259 -18.11 1.69 -3.73
C ASP D 259 -16.82 1.49 -4.48
N HIS D 260 -16.45 2.51 -5.29
CA HIS D 260 -15.34 2.39 -6.21
C HIS D 260 -14.01 2.04 -5.55
N GLY D 261 -13.87 2.47 -4.29
CA GLY D 261 -12.68 2.23 -3.55
C GLY D 261 -12.65 0.92 -2.74
N ALA D 262 -13.67 0.08 -2.88
CA ALA D 262 -13.76 -1.12 -2.03
C ALA D 262 -12.67 -2.11 -2.26
N TYR D 263 -12.21 -2.32 -3.51
CA TYR D 263 -11.17 -3.25 -3.80
C TYR D 263 -9.92 -2.98 -2.95
N ASN D 264 -9.54 -1.70 -2.81
CA ASN D 264 -8.34 -1.32 -2.09
C ASN D 264 -8.58 -1.12 -0.61
N ARG D 265 -9.74 -0.63 -0.24
CA ARG D 265 -10.02 -0.26 1.14
CA ARG D 265 -10.06 -0.24 1.13
C ARG D 265 -10.65 -1.37 1.95
N ILE D 266 -11.40 -2.28 1.31
CA ILE D 266 -12.18 -3.26 2.02
C ILE D 266 -11.73 -4.67 1.75
N GLU D 267 -11.76 -5.11 0.48
CA GLU D 267 -11.49 -6.49 0.16
C GLU D 267 -11.29 -6.75 -1.31
N HIS D 268 -10.45 -7.72 -1.59
CA HIS D 268 -10.34 -8.30 -2.89
C HIS D 268 -11.43 -9.39 -3.04
N ILE D 269 -11.84 -9.65 -4.27
CA ILE D 269 -12.80 -10.67 -4.62
C ILE D 269 -12.20 -11.59 -5.66
N ASP D 270 -12.42 -12.93 -5.47
CA ASP D 270 -11.85 -13.90 -6.33
C ASP D 270 -12.60 -14.02 -7.67
N VAL D 271 -11.86 -14.18 -8.74
CA VAL D 271 -12.42 -14.41 -10.05
C VAL D 271 -11.95 -15.79 -10.54
N GLU D 272 -12.91 -16.61 -10.94
CA GLU D 272 -12.58 -17.93 -11.55
C GLU D 272 -12.51 -17.74 -13.07
N VAL D 273 -11.51 -18.36 -13.71
CA VAL D 273 -11.27 -18.22 -15.13
C VAL D 273 -11.25 -19.65 -15.71
N THR D 274 -12.15 -19.90 -16.66
CA THR D 274 -12.30 -21.18 -17.38
C THR D 274 -12.49 -20.98 -18.86
N GLU D 275 -11.92 -21.88 -19.64
CA GLU D 275 -12.13 -21.91 -21.09
C GLU D 275 -13.43 -22.59 -21.40
N VAL D 276 -14.19 -21.98 -22.30
CA VAL D 276 -15.51 -22.45 -22.74
C VAL D 276 -15.74 -22.51 -24.25
#